data_4O4X
#
_entry.id   4O4X
#
_cell.length_a   239.890
_cell.length_b   42.240
_cell.length_c   114.020
_cell.angle_alpha   90.00
_cell.angle_beta   92.42
_cell.angle_gamma   90.00
#
_symmetry.space_group_name_H-M   'C 1 2 1'
#
loop_
_entity.id
_entity.type
_entity.pdbx_description
1 polymer TbpB
2 non-polymer GLYCEROL
3 non-polymer 'SULFATE ION'
4 non-polymer 'SODIUM ION'
5 water water
#
_entity_poly.entity_id   1
_entity_poly.type   'polypeptide(L)'
_entity_poly.pdbx_seq_one_letter_code
;GSFDLEDVQPNKTTGVSKEEYKDVETDKKVKEQLGELMEPALGYVVKVPVSQSGVKRTEISNPEAITDEDLNKIPNYEII
KGVAYPNYGELVDKTAAETMKYVRSGYVIDVYHSGTRDKGYVFYKGITPSKELPQGPALTYQGEWDFTSDANLNNEEGRP
TALNDDYYTTAIGKRAGLVSGDAKPSKHKYTSQFKVDFATKKMTGKLSDKEKTIYTVNADIRGNRFTGSATASDKDKGKG
ASYNFFSVDSQSLEGGFYGPKAEEMAGKFVADDKSLFAVFSAKHNASNVNTVRIIDASKIDLTNFSISELTNFGDASVLI
IDGKKMELAGSEFTNKHTIDINGKKMVAVACCSNLEYMKFGQLWQQTEGEKQVKDNSLFLQGERTATDKMPKDGNYKYIG
TWDAQVSKENNYWVATADDDRKAGYRTEFDVDFGSKNLSGKLFDKNGVNPVFTVNAKIDGNGFTGEAKTSDAGFVLDPGS
LRHDNVKFSDVAVSGGFYGPTAAELGGQFRYQSDNGSVGVGAVFGAKQQVKK
;
_entity_poly.pdbx_strand_id   A,B
#
loop_
_chem_comp.id
_chem_comp.type
_chem_comp.name
_chem_comp.formula
GOL non-polymer GLYCEROL 'C3 H8 O3'
NA non-polymer 'SODIUM ION' 'Na 1'
SO4 non-polymer 'SULFATE ION' 'O4 S -2'
#
# COMPACT_ATOMS: atom_id res chain seq x y z
N GLU A 20 -60.66 -12.35 -3.19
CA GLU A 20 -61.37 -11.85 -2.01
C GLU A 20 -60.47 -10.97 -1.15
N TYR A 21 -59.16 -11.06 -1.37
CA TYR A 21 -58.19 -10.24 -0.64
C TYR A 21 -57.32 -9.43 -1.59
N LYS A 22 -56.98 -8.21 -1.20
CA LYS A 22 -56.04 -7.39 -1.97
C LYS A 22 -55.05 -6.71 -1.02
N ASP A 23 -53.93 -6.21 -1.56
CA ASP A 23 -52.91 -5.59 -0.72
C ASP A 23 -53.41 -4.31 -0.04
N VAL A 24 -53.02 -4.15 1.21
CA VAL A 24 -53.36 -2.95 1.98
C VAL A 24 -52.73 -1.70 1.38
N GLU A 25 -53.56 -0.69 1.14
CA GLU A 25 -53.06 0.60 0.66
C GLU A 25 -52.09 1.19 1.67
N THR A 26 -50.82 1.33 1.27
CA THR A 26 -49.80 1.83 2.15
C THR A 26 -49.10 3.04 1.56
N ASP A 27 -48.61 3.91 2.43
CA ASP A 27 -47.82 5.06 1.98
C ASP A 27 -46.41 4.59 1.69
N LYS A 28 -45.88 5.00 0.54
CA LYS A 28 -44.54 4.60 0.14
C LYS A 28 -43.50 5.07 1.16
N LYS A 29 -42.45 4.30 1.31
CA LYS A 29 -41.32 4.67 2.16
C LYS A 29 -40.78 6.04 1.75
N VAL A 30 -40.72 6.96 2.71
CA VAL A 30 -40.27 8.31 2.43
C VAL A 30 -38.76 8.32 2.14
N LYS A 31 -38.43 8.73 0.92
CA LYS A 31 -37.04 8.77 0.48
C LYS A 31 -36.37 10.07 0.94
N GLU A 32 -35.36 9.95 1.79
CA GLU A 32 -34.64 11.11 2.28
C GLU A 32 -33.26 11.19 1.65
N GLN A 33 -33.08 12.17 0.76
CA GLN A 33 -31.81 12.34 0.08
C GLN A 33 -30.74 12.86 1.03
N LEU A 34 -29.65 12.13 1.11
CA LEU A 34 -28.61 12.38 2.09
C LEU A 34 -27.69 13.58 1.97
N GLY A 35 -27.14 13.80 0.80
CA GLY A 35 -25.92 14.56 0.66
C GLY A 35 -24.80 13.54 0.57
N GLU A 36 -23.68 13.93 -0.01
CA GLU A 36 -22.66 13.01 -0.48
C GLU A 36 -21.66 12.62 0.63
N LEU A 37 -21.57 13.46 1.65
CA LEU A 37 -20.67 13.21 2.78
C LEU A 37 -21.36 12.45 3.89
N MET A 38 -22.65 12.16 3.69
CA MET A 38 -23.44 11.56 4.75
C MET A 38 -23.84 10.12 4.43
N GLU A 39 -23.20 9.56 3.41
CA GLU A 39 -23.42 8.16 3.05
C GLU A 39 -22.74 7.28 4.09
N PRO A 40 -23.49 6.33 4.67
CA PRO A 40 -22.94 5.43 5.68
C PRO A 40 -21.92 4.44 5.12
N ALA A 41 -20.98 4.03 5.97
CA ALA A 41 -19.97 3.04 5.63
C ALA A 41 -19.36 2.48 6.91
N LEU A 42 -18.61 1.38 6.80
CA LEU A 42 -17.94 0.81 7.96
C LEU A 42 -16.94 1.79 8.54
N GLY A 43 -16.34 2.60 7.68
CA GLY A 43 -15.39 3.60 8.12
C GLY A 43 -14.95 4.55 7.03
N TYR A 44 -14.20 5.57 7.42
CA TYR A 44 -13.66 6.56 6.50
C TYR A 44 -12.23 6.90 6.86
N VAL A 45 -11.45 7.30 5.85
CA VAL A 45 -10.06 7.69 6.06
C VAL A 45 -9.75 8.94 5.23
N VAL A 46 -8.87 9.78 5.74
CA VAL A 46 -8.48 11.02 5.07
C VAL A 46 -6.98 11.21 5.15
N LYS A 47 -6.36 11.45 4.00
CA LYS A 47 -4.93 11.73 3.93
C LYS A 47 -4.63 13.10 4.52
N VAL A 48 -3.67 13.16 5.44
CA VAL A 48 -3.26 14.43 6.02
C VAL A 48 -2.72 15.32 4.90
N PRO A 49 -3.33 16.51 4.74
CA PRO A 49 -2.99 17.46 3.67
C PRO A 49 -1.54 17.92 3.71
N VAL A 50 -0.85 17.77 2.58
CA VAL A 50 0.51 18.26 2.42
C VAL A 50 0.60 19.12 1.17
N SER A 51 0.81 20.42 1.35
CA SER A 51 0.84 21.37 0.24
C SER A 51 2.07 21.16 -0.64
N GLN A 52 1.80 20.75 -1.87
CA GLN A 52 2.81 20.51 -2.84
C GLN A 52 3.47 21.81 -3.00
N SER A 53 4.15 22.00 -4.12
CA SER A 53 4.89 23.20 -4.32
C SER A 53 4.29 23.89 -5.52
N GLY A 54 4.17 25.21 -5.47
CA GLY A 54 4.34 25.99 -4.27
C GLY A 54 2.96 26.36 -3.80
N VAL A 55 2.11 25.37 -3.63
CA VAL A 55 0.75 25.67 -3.23
C VAL A 55 0.73 26.27 -1.83
N LYS A 56 -0.16 27.22 -1.59
CA LYS A 56 -0.20 27.93 -0.32
C LYS A 56 -1.27 27.36 0.62
N ARG A 57 -2.33 26.80 0.06
CA ARG A 57 -3.39 26.24 0.87
C ARG A 57 -3.92 24.94 0.29
N THR A 58 -3.82 23.86 1.06
CA THR A 58 -4.34 22.56 0.62
C THR A 58 -5.46 22.10 1.55
N GLU A 59 -6.66 21.99 1.01
CA GLU A 59 -7.84 21.68 1.81
C GLU A 59 -7.98 20.18 2.06
N ILE A 60 -8.82 19.83 3.03
CA ILE A 60 -9.12 18.43 3.31
C ILE A 60 -9.84 17.80 2.13
N SER A 61 -9.20 16.80 1.52
CA SER A 61 -9.80 16.09 0.38
C SER A 61 -11.00 15.27 0.85
N ASN A 62 -11.68 14.64 -0.10
CA ASN A 62 -12.85 13.84 0.22
C ASN A 62 -12.48 12.56 0.96
N PRO A 63 -13.15 12.28 2.08
CA PRO A 63 -12.94 11.06 2.86
C PRO A 63 -13.21 9.80 2.03
N GLU A 64 -12.23 8.92 1.98
CA GLU A 64 -12.36 7.64 1.28
C GLU A 64 -13.04 6.62 2.18
N ALA A 65 -13.98 5.86 1.62
CA ALA A 65 -14.74 4.90 2.39
C ALA A 65 -13.91 3.65 2.67
N ILE A 66 -14.16 3.02 3.82
CA ILE A 66 -13.47 1.80 4.19
C ILE A 66 -14.41 0.62 4.08
N THR A 67 -14.02 -0.42 3.37
CA THR A 67 -14.88 -1.55 3.13
C THR A 67 -14.33 -2.78 3.77
N ASP A 68 -13.49 -2.57 4.76
CA ASP A 68 -12.67 -3.59 5.33
C ASP A 68 -13.29 -4.04 6.60
N GLU A 69 -13.24 -5.33 6.87
CA GLU A 69 -13.72 -5.82 8.13
C GLU A 69 -12.57 -6.27 9.00
N ASP A 70 -11.40 -5.67 8.87
CA ASP A 70 -10.32 -6.00 9.80
C ASP A 70 -9.99 -4.80 10.68
N LEU A 71 -10.33 -4.90 11.96
CA LEU A 71 -10.13 -3.80 12.89
C LEU A 71 -8.66 -3.44 13.08
N ASN A 72 -7.80 -4.44 13.13
CA ASN A 72 -6.39 -4.22 13.40
C ASN A 72 -5.63 -3.82 12.14
N LYS A 73 -6.36 -3.46 11.10
CA LYS A 73 -5.74 -2.99 9.90
C LYS A 73 -5.94 -1.51 9.85
N ILE A 74 -4.87 -0.76 9.81
CA ILE A 74 -4.92 0.68 9.66
C ILE A 74 -4.92 1.03 8.17
N PRO A 75 -5.90 1.84 7.74
CA PRO A 75 -6.07 2.22 6.33
C PRO A 75 -4.83 2.90 5.74
N ASN A 76 -4.35 2.37 4.62
CA ASN A 76 -3.22 2.95 3.90
C ASN A 76 -1.96 3.07 4.77
N TYR A 77 -1.77 2.09 5.64
CA TYR A 77 -0.61 2.09 6.54
C TYR A 77 0.67 1.83 5.78
N GLU A 78 0.64 0.87 4.87
CA GLU A 78 1.82 0.45 4.12
C GLU A 78 2.36 1.57 3.23
N ILE A 79 1.46 2.46 2.82
CA ILE A 79 1.83 3.58 1.97
C ILE A 79 2.67 4.62 2.73
N ILE A 80 2.11 5.13 3.83
CA ILE A 80 2.82 6.10 4.65
C ILE A 80 4.08 5.48 5.24
N LYS A 81 4.03 4.17 5.49
CA LYS A 81 5.20 3.44 5.95
C LYS A 81 6.30 3.47 4.89
N GLY A 82 5.91 3.16 3.66
CA GLY A 82 6.85 3.15 2.55
C GLY A 82 7.36 4.53 2.19
N VAL A 83 6.62 5.56 2.57
CA VAL A 83 7.06 6.93 2.32
C VAL A 83 8.02 7.44 3.39
N ALA A 84 7.67 7.26 4.65
CA ALA A 84 8.43 7.90 5.73
C ALA A 84 9.80 7.27 6.00
N TYR A 85 9.90 5.95 5.91
CA TYR A 85 11.13 5.26 6.32
C TYR A 85 12.34 5.49 5.40
N PRO A 86 12.16 5.43 4.06
CA PRO A 86 13.33 5.76 3.24
C PRO A 86 13.67 7.25 3.31
N ASN A 87 12.76 8.04 3.85
CA ASN A 87 12.97 9.47 4.03
C ASN A 87 13.33 9.77 5.48
N TYR A 88 13.81 8.73 6.16
CA TYR A 88 14.28 8.80 7.54
C TYR A 88 13.21 9.35 8.47
N GLY A 89 12.03 8.76 8.42
CA GLY A 89 10.93 9.14 9.29
C GLY A 89 10.55 8.01 10.23
N GLU A 90 9.65 8.32 11.18
CA GLU A 90 9.19 7.32 12.13
C GLU A 90 7.68 7.40 12.28
N LEU A 91 7.02 6.24 12.21
CA LEU A 91 5.56 6.19 12.30
C LEU A 91 5.05 6.08 13.72
N VAL A 92 3.96 6.79 13.99
CA VAL A 92 3.25 6.67 15.26
C VAL A 92 1.76 6.57 14.97
N ASP A 93 1.11 5.55 15.53
CA ASP A 93 -0.30 5.31 15.28
C ASP A 93 -1.13 5.25 16.56
N LYS A 94 -2.18 6.04 16.61
CA LYS A 94 -3.16 5.97 17.68
C LYS A 94 -4.46 5.42 17.11
N THR A 95 -4.86 4.20 17.44
CA THR A 95 -6.08 3.66 16.90
C THR A 95 -7.15 3.36 17.89
N ALA A 96 -6.88 3.64 19.15
CA ALA A 96 -7.86 3.45 20.22
C ALA A 96 -8.23 1.98 20.39
N ALA A 97 -7.34 1.09 19.97
CA ALA A 97 -7.56 -0.34 20.08
C ALA A 97 -7.36 -0.82 21.52
N GLU A 98 -6.78 0.04 22.34
CA GLU A 98 -6.48 -0.28 23.73
C GLU A 98 -7.73 -0.24 24.59
N THR A 99 -8.80 0.34 24.07
CA THR A 99 -9.98 0.62 24.86
C THR A 99 -11.28 0.16 24.18
N MET A 100 -11.27 -0.03 22.87
CA MET A 100 -12.49 -0.36 22.15
C MET A 100 -12.48 -1.80 21.63
N LYS A 101 -13.67 -2.32 21.34
CA LYS A 101 -13.81 -3.72 20.93
C LYS A 101 -14.30 -3.88 19.49
N TYR A 102 -15.20 -2.99 19.07
CA TYR A 102 -15.83 -3.11 17.77
C TYR A 102 -15.45 -1.94 16.86
N VAL A 103 -14.81 -0.93 17.43
CA VAL A 103 -14.47 0.28 16.67
C VAL A 103 -13.01 0.70 16.87
N ARG A 104 -12.51 1.46 15.90
CA ARG A 104 -11.20 2.06 15.95
C ARG A 104 -11.29 3.47 15.40
N SER A 105 -10.50 4.38 15.96
CA SER A 105 -10.47 5.75 15.45
C SER A 105 -9.14 6.38 15.84
N GLY A 106 -8.66 7.30 14.99
CA GLY A 106 -7.43 8.01 15.31
C GLY A 106 -6.59 8.34 14.09
N TYR A 107 -5.30 8.03 14.18
CA TYR A 107 -4.37 8.44 13.15
C TYR A 107 -3.18 7.50 13.00
N VAL A 108 -2.47 7.67 11.88
CA VAL A 108 -1.12 7.13 11.71
C VAL A 108 -0.31 8.21 11.00
N ILE A 109 0.70 8.74 11.68
CA ILE A 109 1.45 9.85 11.10
C ILE A 109 2.96 9.68 11.20
N ASP A 110 3.67 10.50 10.45
CA ASP A 110 5.12 10.56 10.49
C ASP A 110 5.57 11.63 11.47
N VAL A 111 6.23 11.19 12.54
CA VAL A 111 6.68 12.10 13.58
C VAL A 111 7.73 13.10 13.11
N TYR A 112 8.67 12.63 12.29
CA TYR A 112 9.74 13.48 11.80
C TYR A 112 9.45 13.90 10.36
N HIS A 113 8.22 14.34 10.13
CA HIS A 113 7.82 14.79 8.80
C HIS A 113 8.36 16.18 8.49
N SER A 114 8.77 16.36 7.25
CA SER A 114 9.19 17.66 6.74
C SER A 114 9.11 17.64 5.21
N GLY A 115 8.89 18.80 4.61
CA GLY A 115 8.85 18.88 3.15
C GLY A 115 7.49 18.57 2.56
N THR A 116 7.50 17.96 1.37
CA THR A 116 6.29 17.76 0.59
C THR A 116 5.81 16.32 0.54
N ARG A 117 6.49 15.42 1.25
CA ARG A 117 6.11 14.02 1.25
C ARG A 117 4.91 13.81 2.17
N ASP A 118 4.21 12.69 1.98
CA ASP A 118 3.00 12.39 2.74
C ASP A 118 3.28 12.38 4.24
N LYS A 119 2.28 12.77 5.03
CA LYS A 119 2.45 12.85 6.47
C LYS A 119 1.72 11.72 7.19
N GLY A 120 0.57 11.32 6.66
CA GLY A 120 -0.18 10.23 7.26
C GLY A 120 -1.68 10.27 7.00
N TYR A 121 -2.43 9.54 7.82
CA TYR A 121 -3.87 9.44 7.65
C TYR A 121 -4.63 9.57 8.96
N VAL A 122 -5.83 10.13 8.88
CA VAL A 122 -6.74 10.22 10.02
C VAL A 122 -8.00 9.44 9.66
N PHE A 123 -8.43 8.55 10.55
CA PHE A 123 -9.49 7.63 10.18
C PHE A 123 -10.41 7.20 11.32
N TYR A 124 -11.48 6.53 10.93
CA TYR A 124 -12.32 5.78 11.86
C TYR A 124 -12.90 4.58 11.13
N LYS A 125 -13.18 3.51 11.86
CA LYS A 125 -13.80 2.33 11.28
C LYS A 125 -14.45 1.50 12.37
N GLY A 126 -15.34 0.59 11.98
CA GLY A 126 -15.98 -0.29 12.93
C GLY A 126 -16.51 -1.52 12.22
N ILE A 127 -16.77 -2.58 12.98
CA ILE A 127 -17.34 -3.80 12.42
C ILE A 127 -18.63 -4.16 13.13
N THR A 128 -19.43 -5.00 12.47
CA THR A 128 -20.74 -5.42 12.97
C THR A 128 -21.61 -4.25 13.40
N PRO A 129 -22.12 -3.46 12.43
CA PRO A 129 -23.09 -2.43 12.78
C PRO A 129 -24.33 -3.04 13.43
N SER A 130 -24.87 -2.34 14.42
CA SER A 130 -25.87 -2.92 15.32
C SER A 130 -27.21 -3.19 14.66
N LYS A 131 -27.78 -4.35 14.97
CA LYS A 131 -29.12 -4.69 14.51
C LYS A 131 -30.09 -4.68 15.68
N GLU A 132 -29.54 -4.52 16.88
CA GLU A 132 -30.36 -4.37 18.08
C GLU A 132 -29.92 -3.13 18.85
N LEU A 133 -30.89 -2.29 19.20
CA LEU A 133 -30.61 -1.08 19.95
C LEU A 133 -31.14 -1.18 21.38
N PRO A 134 -30.43 -0.56 22.32
CA PRO A 134 -30.82 -0.51 23.74
C PRO A 134 -32.24 0.05 23.92
N GLN A 135 -32.86 -0.30 25.04
CA GLN A 135 -34.21 0.16 25.34
C GLN A 135 -34.30 0.64 26.77
N GLY A 136 -34.61 1.92 26.95
CA GLY A 136 -34.72 2.50 28.28
C GLY A 136 -34.19 3.92 28.32
N PRO A 137 -33.50 4.26 29.42
CA PRO A 137 -32.95 5.61 29.60
C PRO A 137 -31.83 5.91 28.63
N ALA A 138 -31.49 7.20 28.50
CA ALA A 138 -30.40 7.62 27.62
C ALA A 138 -29.08 7.03 28.10
N LEU A 139 -28.20 6.74 27.15
CA LEU A 139 -26.90 6.15 27.47
C LEU A 139 -25.79 7.17 27.31
N THR A 140 -24.73 7.01 28.09
CA THR A 140 -23.57 7.88 27.97
C THR A 140 -22.38 7.11 27.41
N TYR A 141 -21.97 7.50 26.20
CA TYR A 141 -20.79 6.94 25.56
C TYR A 141 -19.59 7.83 25.83
N GLN A 142 -18.45 7.23 26.16
CA GLN A 142 -17.23 7.99 26.40
C GLN A 142 -16.09 7.42 25.58
N GLY A 143 -15.25 8.31 25.05
CA GLY A 143 -14.11 7.88 24.27
C GLY A 143 -13.20 9.04 23.93
N GLU A 144 -12.60 8.98 22.74
CA GLU A 144 -11.68 10.02 22.31
C GLU A 144 -11.98 10.47 20.89
N TRP A 145 -11.43 11.62 20.52
CA TRP A 145 -11.54 12.12 19.16
C TRP A 145 -10.17 12.58 18.69
N ASP A 146 -9.98 12.58 17.37
CA ASP A 146 -8.75 13.03 16.77
C ASP A 146 -9.09 13.91 15.58
N PHE A 147 -8.08 14.53 14.97
CA PHE A 147 -8.33 15.45 13.88
C PHE A 147 -7.08 15.75 13.08
N THR A 148 -7.29 16.08 11.80
CA THR A 148 -6.25 16.73 11.00
C THR A 148 -6.80 18.05 10.49
N SER A 149 -5.95 19.06 10.35
CA SER A 149 -6.40 20.35 9.86
C SER A 149 -6.05 20.47 8.39
N ASP A 150 -6.52 21.54 7.76
CA ASP A 150 -6.09 21.87 6.41
C ASP A 150 -4.68 22.44 6.46
N ALA A 151 -4.06 22.62 5.31
CA ALA A 151 -2.76 23.25 5.24
C ALA A 151 -2.90 24.68 4.70
N ASN A 152 -2.26 25.63 5.37
CA ASN A 152 -2.39 27.04 4.99
C ASN A 152 -1.11 27.82 5.25
N LEU A 153 -0.48 28.28 4.17
CA LEU A 153 0.78 29.03 4.26
C LEU A 153 0.57 30.51 4.52
N ASN A 154 -0.51 31.06 3.98
CA ASN A 154 -0.76 32.50 3.98
C ASN A 154 -0.56 33.17 5.34
N ASN A 155 0.14 34.30 5.33
CA ASN A 155 0.50 35.00 6.55
C ASN A 155 -0.65 35.81 7.12
N GLU A 156 -1.63 36.12 6.28
CA GLU A 156 -2.85 36.79 6.71
C GLU A 156 -3.68 35.87 7.60
N GLU A 157 -3.57 34.56 7.34
CA GLU A 157 -4.24 33.56 8.17
C GLU A 157 -3.66 33.61 9.57
N GLY A 158 -2.34 33.72 9.67
CA GLY A 158 -1.68 33.95 10.93
C GLY A 158 -1.46 32.71 11.76
N ARG A 159 -1.23 31.58 11.09
CA ARG A 159 -0.95 30.34 11.81
C ARG A 159 0.43 30.45 12.44
N PRO A 160 0.57 29.96 13.69
CA PRO A 160 1.75 30.21 14.50
C PRO A 160 3.00 29.43 14.06
N THR A 161 4.13 29.82 14.65
CA THR A 161 5.38 29.10 14.48
C THR A 161 6.00 28.85 15.85
N ALA A 162 6.53 27.64 16.04
CA ALA A 162 7.23 27.26 17.26
C ALA A 162 6.39 27.44 18.53
N LEU A 163 5.48 26.51 18.77
CA LEU A 163 4.80 26.41 20.06
C LEU A 163 5.30 25.17 20.78
N ASN A 164 6.58 25.19 21.15
CA ASN A 164 7.25 24.01 21.70
C ASN A 164 6.76 23.61 23.08
N ASP A 165 5.68 24.23 23.53
CA ASP A 165 5.02 23.83 24.78
C ASP A 165 3.77 23.02 24.49
N ASP A 166 3.15 23.30 23.34
CA ASP A 166 1.89 22.67 22.96
C ASP A 166 2.08 21.52 21.98
N TYR A 167 2.88 21.76 20.93
CA TYR A 167 3.04 20.78 19.86
C TYR A 167 4.51 20.42 19.62
N TYR A 168 4.73 19.22 19.09
CA TYR A 168 6.08 18.78 18.73
C TYR A 168 6.53 19.37 17.40
N THR A 169 5.70 20.20 16.82
CA THR A 169 5.87 20.59 15.45
C THR A 169 6.14 22.09 15.32
N THR A 170 7.07 22.48 14.45
CA THR A 170 7.52 23.86 14.34
C THR A 170 6.52 24.75 13.60
N ALA A 171 6.09 24.29 12.43
CA ALA A 171 5.11 25.04 11.64
C ALA A 171 3.75 24.39 11.75
N ILE A 172 2.84 25.04 12.47
CA ILE A 172 1.57 24.45 12.83
C ILE A 172 0.50 24.64 11.75
N GLY A 173 0.33 23.62 10.91
CA GLY A 173 -0.73 23.63 9.91
C GLY A 173 -0.45 24.50 8.71
N LYS A 174 0.82 24.67 8.36
CA LYS A 174 1.19 25.54 7.25
C LYS A 174 1.47 24.74 5.97
N ARG A 175 2.60 24.06 5.92
CA ARG A 175 2.94 23.26 4.74
C ARG A 175 2.21 21.92 4.80
N ALA A 176 1.97 21.43 6.02
CA ALA A 176 1.24 20.19 6.23
C ALA A 176 0.27 20.35 7.39
N GLY A 177 -0.86 19.65 7.31
CA GLY A 177 -1.91 19.79 8.29
C GLY A 177 -1.50 19.44 9.71
N LEU A 178 -2.17 20.07 10.67
CA LEU A 178 -1.93 19.79 12.08
C LEU A 178 -2.73 18.57 12.52
N VAL A 179 -2.03 17.49 12.87
CA VAL A 179 -2.70 16.30 13.37
C VAL A 179 -2.69 16.34 14.90
N SER A 180 -3.68 15.70 15.51
CA SER A 180 -3.79 15.67 16.97
C SER A 180 -2.59 14.99 17.62
N GLY A 181 -1.90 14.15 16.87
CA GLY A 181 -0.74 13.44 17.37
C GLY A 181 0.48 14.34 17.46
N ASP A 182 0.38 15.52 16.86
CA ASP A 182 1.48 16.49 16.91
C ASP A 182 1.46 17.25 18.22
N ALA A 183 0.35 17.14 18.95
CA ALA A 183 0.19 17.85 20.21
C ALA A 183 0.86 17.09 21.35
N LYS A 184 1.36 17.83 22.34
CA LYS A 184 1.97 17.21 23.52
C LYS A 184 0.91 16.84 24.55
N PRO A 185 0.98 15.59 25.05
CA PRO A 185 0.03 15.08 26.05
C PRO A 185 0.07 15.89 27.32
N SER A 186 1.20 16.56 27.56
CA SER A 186 1.39 17.41 28.74
C SER A 186 0.41 18.56 28.75
N LYS A 187 -0.10 18.91 27.57
CA LYS A 187 -0.95 20.08 27.43
C LYS A 187 -2.27 19.78 26.72
N HIS A 188 -2.35 18.63 26.07
CA HIS A 188 -3.55 18.32 25.26
C HIS A 188 -4.04 16.87 25.36
N LYS A 189 -5.28 16.71 25.79
CA LYS A 189 -6.00 15.44 25.72
C LYS A 189 -7.38 15.63 25.12
N TYR A 190 -7.58 15.02 23.97
CA TYR A 190 -8.83 15.17 23.23
C TYR A 190 -9.77 14.03 23.59
N THR A 191 -10.78 14.35 24.39
CA THR A 191 -11.76 13.38 24.85
C THR A 191 -13.10 13.67 24.20
N SER A 192 -13.94 12.64 24.12
CA SER A 192 -15.27 12.78 23.53
C SER A 192 -16.31 12.16 24.44
N GLN A 193 -17.44 12.84 24.59
CA GLN A 193 -18.52 12.29 25.41
C GLN A 193 -19.86 12.54 24.74
N PHE A 194 -20.70 11.52 24.68
CA PHE A 194 -22.00 11.63 24.04
C PHE A 194 -23.11 11.11 24.94
N LYS A 195 -24.28 11.69 24.84
CA LYS A 195 -25.46 11.13 25.48
C LYS A 195 -26.49 10.80 24.40
N VAL A 196 -26.90 9.54 24.37
CA VAL A 196 -27.72 9.00 23.29
C VAL A 196 -29.04 8.40 23.74
N ASP A 197 -30.14 8.93 23.21
CA ASP A 197 -31.46 8.37 23.47
C ASP A 197 -32.01 7.67 22.23
N PHE A 198 -32.14 6.34 22.30
CA PHE A 198 -32.61 5.57 21.16
C PHE A 198 -34.12 5.64 21.04
N ALA A 199 -34.78 6.11 22.09
CA ALA A 199 -36.22 6.27 22.07
C ALA A 199 -36.60 7.42 21.15
N THR A 200 -36.06 8.60 21.43
CA THR A 200 -36.32 9.77 20.61
C THR A 200 -35.43 9.77 19.36
N LYS A 201 -34.54 8.78 19.28
CA LYS A 201 -33.58 8.67 18.18
C LYS A 201 -32.77 9.96 18.07
N LYS A 202 -32.22 10.38 19.19
CA LYS A 202 -31.52 11.66 19.27
C LYS A 202 -30.20 11.52 20.01
N MET A 203 -29.24 12.36 19.64
CA MET A 203 -27.91 12.29 20.23
C MET A 203 -27.32 13.67 20.48
N THR A 204 -26.72 13.86 21.66
CA THR A 204 -25.97 15.06 21.96
C THR A 204 -24.57 14.68 22.39
N GLY A 205 -23.68 15.67 22.52
CA GLY A 205 -22.33 15.41 22.98
C GLY A 205 -21.36 16.58 22.90
N LYS A 206 -20.20 16.38 23.49
CA LYS A 206 -19.13 17.37 23.48
C LYS A 206 -17.79 16.73 23.12
N LEU A 207 -17.02 17.44 22.31
CA LEU A 207 -15.62 17.09 22.05
C LEU A 207 -14.76 18.09 22.80
N SER A 208 -13.98 17.59 23.76
CA SER A 208 -13.24 18.47 24.65
C SER A 208 -11.73 18.29 24.58
N ASP A 209 -11.00 19.37 24.84
CA ASP A 209 -9.57 19.30 25.07
C ASP A 209 -9.32 19.55 26.55
N LYS A 210 -8.79 18.54 27.23
CA LYS A 210 -8.68 18.55 28.70
C LYS A 210 -10.04 18.80 29.33
N GLU A 211 -10.33 20.03 29.72
CA GLU A 211 -11.59 20.37 30.35
C GLU A 211 -12.34 21.45 29.58
N LYS A 212 -11.71 21.96 28.53
CA LYS A 212 -12.32 22.98 27.70
C LYS A 212 -13.18 22.33 26.61
N THR A 213 -14.37 22.86 26.41
CA THR A 213 -15.27 22.34 25.39
C THR A 213 -14.93 22.93 24.02
N ILE A 214 -14.47 22.07 23.12
CA ILE A 214 -14.10 22.49 21.77
C ILE A 214 -15.31 22.49 20.84
N TYR A 215 -15.96 21.34 20.72
CA TYR A 215 -17.15 21.19 19.87
C TYR A 215 -18.34 20.65 20.65
N THR A 216 -19.55 21.04 20.25
CA THR A 216 -20.75 20.36 20.72
C THR A 216 -21.39 19.68 19.52
N VAL A 217 -21.90 18.47 19.70
CA VAL A 217 -22.45 17.74 18.56
C VAL A 217 -23.94 17.44 18.75
N ASN A 218 -24.70 17.58 17.67
CA ASN A 218 -26.12 17.22 17.66
C ASN A 218 -26.37 16.26 16.51
N ALA A 219 -27.19 15.24 16.73
CA ALA A 219 -27.41 14.24 15.69
C ALA A 219 -28.74 13.52 15.83
N ASP A 220 -29.31 13.16 14.69
CA ASP A 220 -30.50 12.32 14.62
C ASP A 220 -30.08 10.90 14.24
N ILE A 221 -30.74 9.93 14.86
CA ILE A 221 -30.42 8.52 14.61
C ILE A 221 -31.41 7.92 13.61
N ARG A 222 -30.86 7.31 12.56
CA ARG A 222 -31.64 6.59 11.56
C ARG A 222 -30.99 5.23 11.34
N GLY A 223 -31.77 4.17 11.52
CA GLY A 223 -31.22 2.83 11.48
C GLY A 223 -30.21 2.65 12.60
N ASN A 224 -28.98 2.30 12.25
CA ASN A 224 -27.91 2.25 13.22
C ASN A 224 -26.86 3.31 12.91
N ARG A 225 -27.26 4.34 12.18
CA ARG A 225 -26.38 5.45 11.87
C ARG A 225 -26.89 6.73 12.50
N PHE A 226 -26.05 7.75 12.57
CA PHE A 226 -26.51 9.06 13.00
C PHE A 226 -25.92 10.17 12.13
N THR A 227 -26.77 11.15 11.82
CA THR A 227 -26.39 12.28 10.99
C THR A 227 -26.73 13.59 11.69
N GLY A 228 -25.85 14.57 11.61
CA GLY A 228 -26.09 15.84 12.27
C GLY A 228 -25.00 16.87 12.04
N SER A 229 -24.76 17.68 13.06
CA SER A 229 -23.84 18.80 12.97
C SER A 229 -22.93 18.91 14.18
N ALA A 230 -21.81 19.60 13.99
CA ALA A 230 -20.91 19.92 15.07
C ALA A 230 -20.70 21.42 15.11
N THR A 231 -21.12 22.04 16.21
CA THR A 231 -21.01 23.47 16.38
C THR A 231 -19.77 23.80 17.21
N ALA A 232 -19.00 24.79 16.75
CA ALA A 232 -17.78 25.21 17.42
C ALA A 232 -18.09 26.11 18.62
N SER A 233 -17.48 25.80 19.76
CA SER A 233 -17.69 26.58 20.97
C SER A 233 -16.98 27.93 20.89
N ASP A 234 -15.84 27.96 20.20
CA ASP A 234 -15.07 29.18 20.02
C ASP A 234 -15.07 29.59 18.55
N LYS A 235 -15.91 30.57 18.20
CA LYS A 235 -16.08 30.98 16.81
C LYS A 235 -14.94 31.88 16.34
N ASP A 236 -14.18 32.45 17.28
CA ASP A 236 -13.13 33.40 16.94
C ASP A 236 -11.82 32.69 16.59
N LYS A 237 -11.38 32.89 15.35
CA LYS A 237 -10.20 32.23 14.83
C LYS A 237 -8.93 32.75 15.49
N GLY A 238 -8.85 34.07 15.66
CA GLY A 238 -7.69 34.68 16.27
C GLY A 238 -6.48 34.68 15.37
N LYS A 239 -5.29 34.80 15.97
CA LYS A 239 -4.04 34.85 15.22
C LYS A 239 -2.84 34.51 16.10
N GLY A 240 -1.73 34.15 15.48
CA GLY A 240 -0.50 33.84 16.20
C GLY A 240 -0.62 32.60 17.06
N ALA A 241 -0.09 32.70 18.28
CA ALA A 241 -0.14 31.58 19.22
C ALA A 241 -1.54 31.39 19.77
N SER A 242 -2.43 32.32 19.45
CA SER A 242 -3.81 32.26 19.89
C SER A 242 -4.72 31.79 18.76
N TYR A 243 -4.14 31.03 17.82
CA TYR A 243 -4.89 30.56 16.66
C TYR A 243 -5.78 29.37 17.01
N ASN A 244 -7.05 29.47 16.66
CA ASN A 244 -8.01 28.40 16.92
C ASN A 244 -8.32 27.60 15.67
N PHE A 245 -7.91 26.34 15.65
CA PHE A 245 -8.13 25.47 14.51
C PHE A 245 -9.56 24.93 14.50
N PHE A 246 -10.32 25.26 15.54
CA PHE A 246 -11.64 24.70 15.71
C PHE A 246 -12.71 25.80 15.80
N SER A 247 -12.70 26.70 14.81
CA SER A 247 -13.62 27.84 14.83
C SER A 247 -14.81 27.63 13.89
N VAL A 248 -14.64 26.75 12.92
CA VAL A 248 -15.66 26.53 11.90
C VAL A 248 -16.56 25.34 12.25
N ASP A 249 -17.86 25.51 12.06
CA ASP A 249 -18.83 24.44 12.31
C ASP A 249 -18.78 23.37 11.22
N SER A 250 -19.63 22.37 11.35
CA SER A 250 -19.75 21.32 10.37
C SER A 250 -21.20 20.86 10.30
N GLN A 251 -21.79 20.91 9.12
CA GLN A 251 -23.17 20.46 8.94
C GLN A 251 -23.17 19.04 8.38
N SER A 252 -22.05 18.34 8.55
CA SER A 252 -21.88 17.03 7.93
C SER A 252 -21.26 16.02 8.88
N LEU A 253 -21.81 15.90 10.08
CA LEU A 253 -21.33 14.90 11.02
C LEU A 253 -22.08 13.59 10.76
N GLU A 254 -21.34 12.54 10.46
CA GLU A 254 -21.98 11.25 10.21
C GLU A 254 -21.22 10.14 10.94
N GLY A 255 -21.96 9.20 11.49
CA GLY A 255 -21.35 8.07 12.16
C GLY A 255 -22.30 6.91 12.31
N GLY A 256 -21.89 5.92 13.08
CA GLY A 256 -22.69 4.74 13.30
C GLY A 256 -22.42 4.04 14.61
N PHE A 257 -23.36 3.18 14.98
CA PHE A 257 -23.23 2.33 16.15
C PHE A 257 -22.71 0.96 15.77
N TYR A 258 -21.76 0.46 16.55
CA TYR A 258 -21.14 -0.83 16.26
C TYR A 258 -21.19 -1.73 17.48
N GLY A 259 -21.15 -3.04 17.23
CA GLY A 259 -21.39 -4.01 18.28
C GLY A 259 -22.80 -4.54 18.07
N PRO A 260 -23.04 -5.80 18.45
CA PRO A 260 -24.34 -6.44 18.25
C PRO A 260 -25.49 -5.67 18.89
N LYS A 261 -25.21 -5.00 20.00
CA LYS A 261 -26.22 -4.28 20.76
C LYS A 261 -25.84 -2.81 20.98
N ALA A 262 -25.24 -2.19 19.96
CA ALA A 262 -24.84 -0.78 20.02
C ALA A 262 -23.92 -0.50 21.21
N GLU A 263 -23.03 -1.44 21.49
CA GLU A 263 -22.11 -1.31 22.61
C GLU A 263 -21.18 -0.11 22.41
N GLU A 264 -20.82 0.15 21.16
CA GLU A 264 -19.89 1.23 20.85
C GLU A 264 -20.40 2.10 19.71
N MET A 265 -19.68 3.18 19.44
CA MET A 265 -20.04 4.10 18.37
C MET A 265 -18.80 4.80 17.82
N ALA A 266 -18.82 5.10 16.53
CA ALA A 266 -17.73 5.83 15.91
C ALA A 266 -18.27 6.77 14.85
N GLY A 267 -17.52 7.82 14.53
CA GLY A 267 -17.99 8.78 13.55
C GLY A 267 -16.97 9.81 13.10
N LYS A 268 -17.43 10.72 12.26
CA LYS A 268 -16.57 11.76 11.71
C LYS A 268 -17.36 13.01 11.38
N PHE A 269 -16.66 14.11 11.16
CA PHE A 269 -17.24 15.28 10.54
C PHE A 269 -16.15 16.10 9.87
N VAL A 270 -16.51 16.73 8.75
CA VAL A 270 -15.60 17.61 8.04
C VAL A 270 -16.10 19.04 8.23
N ALA A 271 -15.19 19.95 8.57
CA ALA A 271 -15.55 21.36 8.74
C ALA A 271 -16.16 21.89 7.46
N ASP A 272 -17.04 22.88 7.59
CA ASP A 272 -17.78 23.38 6.44
C ASP A 272 -16.88 24.05 5.40
N ASP A 273 -15.77 24.63 5.86
CA ASP A 273 -14.82 25.25 4.94
C ASP A 273 -13.65 24.30 4.69
N LYS A 274 -13.84 23.05 5.10
CA LYS A 274 -12.85 21.99 4.94
C LYS A 274 -11.49 22.40 5.53
N SER A 275 -11.55 23.01 6.71
CA SER A 275 -10.35 23.47 7.41
C SER A 275 -10.00 22.51 8.54
N LEU A 276 -10.85 21.51 8.73
CA LEU A 276 -10.62 20.50 9.75
C LEU A 276 -11.46 19.25 9.50
N PHE A 277 -10.82 18.10 9.63
CA PHE A 277 -11.50 16.82 9.56
C PHE A 277 -11.28 16.08 10.87
N ALA A 278 -12.37 15.73 11.55
CA ALA A 278 -12.25 15.12 12.86
C ALA A 278 -12.97 13.78 12.93
N VAL A 279 -12.34 12.81 13.58
CA VAL A 279 -12.93 11.50 13.78
C VAL A 279 -13.08 11.26 15.27
N PHE A 280 -13.91 10.29 15.65
CA PHE A 280 -14.10 9.99 17.07
C PHE A 280 -14.65 8.59 17.30
N SER A 281 -14.38 8.07 18.49
CA SER A 281 -14.94 6.79 18.91
C SER A 281 -15.26 6.83 20.40
N ALA A 282 -16.31 6.12 20.80
CA ALA A 282 -16.77 6.14 22.18
C ALA A 282 -17.56 4.87 22.49
N LYS A 283 -17.62 4.52 23.77
CA LYS A 283 -18.37 3.34 24.22
C LYS A 283 -19.11 3.63 25.52
N HIS A 284 -20.30 3.04 25.68
CA HIS A 284 -21.06 3.27 26.90
C HIS A 284 -20.69 2.26 27.96
N ASN A 285 -20.83 2.65 29.20
CA ASN A 285 -20.84 1.69 30.23
C ASN A 285 -22.19 1.87 30.82
N ALA A 286 -23.00 0.89 30.60
CA ALA A 286 -24.30 0.76 31.26
C ALA A 286 -24.51 -0.69 31.72
N SER A 287 -25.26 -0.83 32.82
CA SER A 287 -25.36 -2.09 33.52
C SER A 287 -26.37 -3.07 32.93
N ASN A 288 -27.65 -2.79 33.13
CA ASN A 288 -28.70 -3.71 32.69
C ASN A 288 -29.42 -3.17 31.47
N VAL A 289 -28.84 -3.40 30.30
CA VAL A 289 -29.38 -2.87 29.06
C VAL A 289 -30.31 -3.85 28.35
N ASN A 290 -31.57 -3.45 28.21
CA ASN A 290 -32.53 -4.21 27.42
C ASN A 290 -32.44 -3.77 25.97
N THR A 291 -32.57 -4.70 25.03
CA THR A 291 -32.43 -4.35 23.62
C THR A 291 -33.61 -4.84 22.81
N VAL A 292 -34.10 -3.97 21.91
CA VAL A 292 -35.09 -4.38 20.92
C VAL A 292 -34.37 -4.50 19.59
N ARG A 293 -34.96 -5.26 18.66
CA ARG A 293 -34.34 -5.41 17.36
C ARG A 293 -34.88 -4.37 16.39
N ILE A 294 -34.02 -3.91 15.48
CA ILE A 294 -34.39 -2.88 14.53
C ILE A 294 -34.09 -3.31 13.09
N ILE A 295 -33.15 -4.24 12.96
CA ILE A 295 -32.68 -4.65 11.63
C ILE A 295 -32.52 -6.17 11.53
N ASP A 296 -33.13 -6.76 10.51
CA ASP A 296 -32.83 -8.13 10.14
C ASP A 296 -32.01 -8.12 8.85
N ALA A 297 -30.98 -8.95 8.80
CA ALA A 297 -30.15 -9.07 7.60
C ALA A 297 -29.37 -10.38 7.65
N SER A 298 -29.90 -11.41 7.00
CA SER A 298 -29.30 -12.73 7.06
C SER A 298 -29.08 -13.33 5.68
N LYS A 299 -28.21 -14.34 5.67
CA LYS A 299 -27.77 -15.01 4.44
C LYS A 299 -27.64 -16.52 4.70
N ILE A 300 -28.50 -17.31 4.07
CA ILE A 300 -28.42 -18.76 4.19
C ILE A 300 -27.64 -19.33 3.02
N ASP A 301 -26.59 -20.10 3.34
CA ASP A 301 -25.78 -20.75 2.31
C ASP A 301 -26.45 -22.05 1.87
N LEU A 302 -26.70 -22.19 0.58
CA LEU A 302 -27.47 -23.32 0.08
C LEU A 302 -26.60 -24.55 -0.17
N THR A 303 -25.48 -24.64 0.53
CA THR A 303 -24.62 -25.81 0.48
C THR A 303 -24.32 -26.30 1.90
N ASN A 304 -23.83 -25.39 2.73
CA ASN A 304 -23.57 -25.69 4.13
C ASN A 304 -24.83 -25.65 4.98
N PHE A 305 -25.83 -24.93 4.47
CA PHE A 305 -27.07 -24.64 5.19
C PHE A 305 -26.73 -24.00 6.54
N SER A 306 -25.70 -23.15 6.52
CA SER A 306 -25.35 -22.33 7.67
C SER A 306 -25.86 -20.93 7.40
N ILE A 307 -25.96 -20.13 8.45
CA ILE A 307 -26.49 -18.78 8.30
C ILE A 307 -25.46 -17.75 8.74
N SER A 308 -25.40 -16.64 8.00
CA SER A 308 -24.43 -15.60 8.26
C SER A 308 -25.10 -14.24 8.32
N GLU A 309 -24.52 -13.34 9.11
CA GLU A 309 -25.05 -11.98 9.21
C GLU A 309 -24.54 -11.12 8.07
N LEU A 310 -25.43 -10.29 7.54
CA LEU A 310 -25.06 -9.36 6.47
C LEU A 310 -24.89 -7.97 7.05
N THR A 311 -24.02 -7.18 6.43
CA THR A 311 -23.82 -5.81 6.88
C THR A 311 -24.94 -4.92 6.38
N ASN A 312 -25.76 -4.42 7.30
CA ASN A 312 -26.86 -3.53 6.94
C ASN A 312 -26.90 -2.30 7.85
N PHE A 313 -27.27 -1.15 7.29
CA PHE A 313 -27.29 0.08 8.05
C PHE A 313 -28.70 0.63 8.31
N GLY A 314 -29.71 -0.15 7.93
CA GLY A 314 -31.09 0.25 8.17
C GLY A 314 -31.90 0.48 6.91
N ASP A 315 -31.34 0.06 5.78
CA ASP A 315 -32.05 0.13 4.51
C ASP A 315 -32.09 -1.26 3.88
N ALA A 316 -33.25 -1.92 3.98
CA ALA A 316 -33.40 -3.29 3.53
C ALA A 316 -33.32 -3.42 2.01
N SER A 317 -33.51 -2.30 1.32
CA SER A 317 -33.50 -2.31 -0.14
C SER A 317 -32.08 -2.15 -0.67
N VAL A 318 -31.11 -2.20 0.23
CA VAL A 318 -29.71 -2.10 -0.14
C VAL A 318 -28.94 -3.28 0.45
N LEU A 319 -28.29 -4.04 -0.43
CA LEU A 319 -27.48 -5.17 -0.03
C LEU A 319 -26.01 -4.78 -0.07
N ILE A 320 -25.28 -5.17 0.98
CA ILE A 320 -23.88 -4.78 1.12
C ILE A 320 -23.00 -6.03 1.14
N ILE A 321 -22.18 -6.18 0.11
CA ILE A 321 -21.30 -7.33 -0.01
C ILE A 321 -19.86 -6.89 -0.26
N ASP A 322 -18.97 -7.39 0.59
CA ASP A 322 -17.54 -7.06 0.55
C ASP A 322 -17.30 -5.55 0.69
N GLY A 323 -18.29 -4.83 1.22
CA GLY A 323 -18.16 -3.41 1.45
C GLY A 323 -18.90 -2.55 0.43
N LYS A 324 -18.99 -3.03 -0.80
CA LYS A 324 -19.67 -2.26 -1.85
C LYS A 324 -21.18 -2.35 -1.74
N LYS A 325 -21.86 -1.42 -2.40
CA LYS A 325 -23.31 -1.28 -2.26
C LYS A 325 -24.04 -1.69 -3.53
N MET A 326 -25.02 -2.58 -3.39
CA MET A 326 -25.89 -2.96 -4.49
C MET A 326 -27.34 -2.73 -4.11
N GLU A 327 -28.05 -1.88 -4.87
CA GLU A 327 -29.44 -1.62 -4.54
C GLU A 327 -30.32 -2.72 -5.11
N LEU A 328 -31.37 -3.07 -4.37
CA LEU A 328 -32.18 -4.24 -4.68
C LEU A 328 -33.52 -3.88 -5.31
N ALA A 329 -33.99 -2.65 -5.05
CA ALA A 329 -35.28 -2.21 -5.58
C ALA A 329 -35.22 -2.05 -7.09
N GLY A 330 -36.37 -2.18 -7.73
CA GLY A 330 -36.45 -2.06 -9.17
C GLY A 330 -37.84 -1.70 -9.64
N SER A 331 -38.08 -1.83 -10.94
CA SER A 331 -39.35 -1.42 -11.53
C SER A 331 -40.34 -2.58 -11.59
N GLU A 332 -39.82 -3.80 -11.62
CA GLU A 332 -40.67 -4.99 -11.69
C GLU A 332 -40.80 -5.67 -10.33
N PHE A 333 -41.57 -6.76 -10.31
CA PHE A 333 -41.87 -7.48 -9.07
C PHE A 333 -40.60 -8.05 -8.45
N THR A 334 -39.85 -8.81 -9.24
CA THR A 334 -38.53 -9.27 -8.82
C THR A 334 -37.48 -8.72 -9.78
N ASN A 335 -36.40 -8.18 -9.23
CA ASN A 335 -35.39 -7.52 -10.05
C ASN A 335 -34.01 -8.12 -9.85
N LYS A 336 -33.31 -8.34 -10.96
CA LYS A 336 -31.95 -8.85 -10.91
C LYS A 336 -30.95 -7.69 -10.86
N HIS A 337 -29.94 -7.82 -10.02
CA HIS A 337 -28.92 -6.79 -9.89
C HIS A 337 -27.53 -7.41 -9.80
N THR A 338 -26.59 -6.84 -10.53
CA THR A 338 -25.27 -7.38 -10.66
C THR A 338 -24.20 -6.37 -10.35
N ILE A 339 -23.22 -6.79 -9.55
CA ILE A 339 -22.17 -5.95 -9.01
C ILE A 339 -20.84 -6.70 -9.02
N ASP A 340 -19.70 -6.02 -9.14
CA ASP A 340 -18.41 -6.69 -9.11
C ASP A 340 -17.60 -6.31 -7.91
N ILE A 341 -17.19 -7.30 -7.13
CA ILE A 341 -16.37 -7.04 -5.97
C ILE A 341 -15.08 -7.81 -5.98
N ASN A 342 -14.40 -7.77 -4.83
CA ASN A 342 -13.02 -8.17 -4.72
CA ASN A 342 -12.92 -8.18 -4.71
C ASN A 342 -12.99 -9.59 -5.18
N GLY A 343 -13.94 -10.40 -4.72
CA GLY A 343 -14.20 -11.64 -5.42
C GLY A 343 -15.67 -11.96 -5.53
N LYS A 344 -16.20 -11.96 -6.74
CA LYS A 344 -15.78 -11.07 -7.80
C LYS A 344 -17.01 -10.46 -8.45
N LYS A 345 -17.78 -11.24 -9.21
CA LYS A 345 -18.95 -10.69 -9.85
C LYS A 345 -20.14 -11.24 -9.15
N MET A 346 -20.92 -10.38 -8.54
CA MET A 346 -22.05 -10.88 -7.78
C MET A 346 -23.40 -10.58 -8.38
N VAL A 347 -24.26 -11.59 -8.41
CA VAL A 347 -25.63 -11.40 -8.89
C VAL A 347 -26.63 -11.69 -7.77
N ALA A 348 -27.75 -10.97 -7.79
CA ALA A 348 -28.80 -11.18 -6.80
C ALA A 348 -30.18 -10.94 -7.40
N VAL A 349 -31.15 -11.76 -7.01
CA VAL A 349 -32.54 -11.56 -7.43
C VAL A 349 -33.35 -11.16 -6.21
N ALA A 350 -33.98 -9.99 -6.26
CA ALA A 350 -34.61 -9.41 -5.08
C ALA A 350 -36.12 -9.22 -5.24
N CYS A 351 -36.84 -9.48 -4.16
CA CYS A 351 -38.29 -9.38 -4.12
C CYS A 351 -38.71 -8.70 -2.81
N CYS A 352 -39.81 -7.95 -2.84
CA CYS A 352 -40.63 -7.73 -4.02
C CYS A 352 -40.83 -6.24 -4.25
N SER A 353 -41.67 -5.89 -5.22
CA SER A 353 -41.93 -4.50 -5.52
C SER A 353 -42.98 -3.91 -4.59
N ASN A 354 -43.84 -4.77 -4.05
CA ASN A 354 -44.90 -4.33 -3.14
C ASN A 354 -44.43 -4.31 -1.69
N LEU A 355 -43.18 -4.73 -1.47
CA LEU A 355 -42.57 -4.66 -0.16
C LEU A 355 -41.55 -3.51 -0.12
N GLU A 356 -41.71 -2.64 0.86
CA GLU A 356 -40.91 -1.42 1.00
C GLU A 356 -39.99 -1.39 2.21
N TYR A 357 -40.25 -2.21 3.20
CA TYR A 357 -39.51 -2.19 4.45
C TYR A 357 -38.80 -3.52 4.66
N MET A 358 -38.82 -4.36 3.62
CA MET A 358 -38.11 -5.63 3.64
C MET A 358 -37.80 -6.09 2.21
N LYS A 359 -36.74 -6.88 2.08
CA LYS A 359 -36.36 -7.46 0.80
C LYS A 359 -35.78 -8.85 1.03
N PHE A 360 -36.21 -9.82 0.23
CA PHE A 360 -35.65 -11.17 0.31
C PHE A 360 -35.37 -11.70 -1.08
N GLY A 361 -34.45 -12.66 -1.18
CA GLY A 361 -34.18 -13.24 -2.49
C GLY A 361 -32.98 -14.16 -2.58
N GLN A 362 -32.42 -14.24 -3.79
CA GLN A 362 -31.28 -15.12 -4.06
C GLN A 362 -30.01 -14.31 -4.28
N LEU A 363 -28.86 -14.95 -4.06
CA LEU A 363 -27.57 -14.28 -4.16
C LEU A 363 -26.46 -15.27 -4.49
N TRP A 364 -25.88 -15.14 -5.68
CA TRP A 364 -24.81 -16.05 -6.10
C TRP A 364 -23.68 -15.32 -6.82
N GLN A 365 -22.63 -16.08 -7.16
CA GLN A 365 -21.48 -15.56 -7.88
C GLN A 365 -21.37 -16.26 -9.24
N GLN A 366 -21.16 -15.45 -10.26
CA GLN A 366 -21.22 -15.91 -11.61
C GLN A 366 -19.83 -16.07 -12.13
N THR A 367 -19.28 -17.24 -11.90
CA THR A 367 -17.95 -17.52 -12.34
C THR A 367 -17.87 -17.82 -13.81
N GLU A 368 -18.56 -18.86 -14.24
CA GLU A 368 -18.41 -19.35 -15.60
C GLU A 368 -19.47 -18.89 -16.57
N LYS A 371 -21.50 -21.13 -17.14
CA LYS A 371 -22.90 -20.97 -16.77
C LYS A 371 -23.05 -21.03 -15.27
N GLN A 372 -22.14 -21.71 -14.60
CA GLN A 372 -22.35 -22.10 -13.21
C GLN A 372 -22.29 -21.00 -12.16
N VAL A 373 -22.81 -21.33 -10.99
CA VAL A 373 -22.96 -20.41 -9.89
C VAL A 373 -22.11 -20.85 -8.72
N LYS A 374 -21.44 -19.90 -8.10
CA LYS A 374 -20.62 -20.22 -6.96
C LYS A 374 -21.25 -19.48 -5.82
N ASP A 375 -21.17 -20.08 -4.66
CA ASP A 375 -21.70 -19.51 -3.41
C ASP A 375 -23.19 -19.16 -3.51
N ASN A 376 -24.00 -20.12 -3.92
CA ASN A 376 -25.44 -19.90 -4.00
C ASN A 376 -26.02 -19.66 -2.61
N SER A 377 -26.89 -18.66 -2.50
CA SER A 377 -27.42 -18.27 -1.19
C SER A 377 -28.81 -17.65 -1.26
N LEU A 378 -29.46 -17.58 -0.10
CA LEU A 378 -30.69 -16.82 0.06
C LEU A 378 -30.41 -15.67 1.03
N PHE A 379 -31.17 -14.60 0.93
CA PHE A 379 -30.98 -13.50 1.87
C PHE A 379 -32.31 -12.87 2.27
N LEU A 380 -32.34 -12.36 3.50
CA LEU A 380 -33.51 -11.66 4.00
C LEU A 380 -33.11 -10.45 4.83
N GLN A 381 -33.58 -9.28 4.41
CA GLN A 381 -33.35 -8.04 5.14
C GLN A 381 -34.69 -7.38 5.45
N GLY A 382 -34.74 -6.64 6.55
CA GLY A 382 -35.98 -5.99 6.95
C GLY A 382 -35.76 -4.94 8.03
N GLU A 383 -36.54 -3.87 7.93
CA GLU A 383 -36.50 -2.80 8.92
C GLU A 383 -37.62 -3.02 9.92
N ARG A 384 -37.27 -3.57 11.07
CA ARG A 384 -38.25 -3.97 12.09
C ARG A 384 -39.24 -2.87 12.46
N THR A 385 -40.46 -3.29 12.76
CA THR A 385 -41.49 -2.38 13.24
C THR A 385 -41.15 -1.96 14.66
N ALA A 386 -41.33 -0.68 14.97
CA ALA A 386 -41.11 -0.17 16.32
C ALA A 386 -41.96 -0.95 17.32
N THR A 387 -41.39 -1.28 18.47
CA THR A 387 -42.06 -2.12 19.45
C THR A 387 -43.36 -1.49 19.97
N ASP A 388 -43.42 -0.16 19.91
CA ASP A 388 -44.60 0.57 20.36
C ASP A 388 -45.61 0.78 19.22
N LYS A 389 -45.16 0.55 17.99
CA LYS A 389 -46.01 0.71 16.82
C LYS A 389 -46.75 -0.58 16.49
N MET A 390 -46.34 -1.67 17.13
CA MET A 390 -46.96 -2.97 16.91
C MET A 390 -48.39 -3.00 17.41
N PRO A 391 -49.31 -3.53 16.59
CA PRO A 391 -50.70 -3.72 16.99
C PRO A 391 -50.84 -4.70 18.16
N LYS A 392 -51.79 -4.43 19.05
CA LYS A 392 -52.04 -5.32 20.18
C LYS A 392 -53.37 -6.04 19.99
N ASP A 393 -54.17 -5.54 19.05
CA ASP A 393 -55.47 -6.14 18.78
C ASP A 393 -55.72 -6.20 17.28
N GLY A 394 -56.27 -7.33 16.83
CA GLY A 394 -56.61 -7.49 15.43
C GLY A 394 -56.30 -8.87 14.88
N ASN A 395 -56.99 -9.23 13.81
CA ASN A 395 -56.77 -10.50 13.12
C ASN A 395 -56.69 -10.25 11.62
N TYR A 396 -55.51 -10.48 11.05
CA TYR A 396 -55.25 -10.09 9.67
C TYR A 396 -54.76 -11.24 8.79
N LYS A 397 -54.82 -11.00 7.49
CA LYS A 397 -54.35 -11.93 6.49
C LYS A 397 -53.14 -11.34 5.76
N TYR A 398 -52.11 -12.15 5.56
CA TYR A 398 -50.90 -11.72 4.87
C TYR A 398 -50.62 -12.59 3.65
N ILE A 399 -50.70 -12.01 2.47
CA ILE A 399 -50.40 -12.75 1.24
C ILE A 399 -49.07 -12.30 0.68
N GLY A 400 -48.24 -13.28 0.30
CA GLY A 400 -46.94 -12.99 -0.29
C GLY A 400 -46.35 -14.19 -1.00
N THR A 401 -45.03 -14.25 -1.03
CA THR A 401 -44.34 -15.35 -1.69
C THR A 401 -43.04 -15.69 -0.97
N TRP A 402 -42.25 -16.58 -1.56
CA TRP A 402 -41.03 -17.05 -0.92
C TRP A 402 -40.00 -17.62 -1.88
N ASP A 403 -38.76 -17.67 -1.42
CA ASP A 403 -37.68 -18.32 -2.15
C ASP A 403 -37.15 -19.46 -1.28
N ALA A 404 -36.90 -20.62 -1.89
CA ALA A 404 -36.46 -21.76 -1.12
C ALA A 404 -35.67 -22.78 -1.92
N GLN A 405 -35.05 -23.70 -1.19
CA GLN A 405 -34.34 -24.83 -1.78
C GLN A 405 -34.36 -26.01 -0.81
N VAL A 406 -34.97 -27.10 -1.27
CA VAL A 406 -34.95 -28.35 -0.54
C VAL A 406 -34.04 -29.30 -1.34
N SER A 407 -33.31 -30.16 -0.64
CA SER A 407 -32.36 -31.03 -1.31
C SER A 407 -32.03 -32.27 -0.51
N LYS A 408 -32.44 -33.42 -1.04
CA LYS A 408 -31.97 -34.70 -0.52
C LYS A 408 -30.93 -35.24 -1.51
N GLU A 409 -29.73 -35.48 -1.00
CA GLU A 409 -28.59 -35.88 -1.83
C GLU A 409 -28.27 -34.85 -2.91
N ASN A 410 -28.45 -35.23 -4.17
CA ASN A 410 -28.02 -34.38 -5.28
C ASN A 410 -29.15 -33.98 -6.23
N ASN A 411 -30.40 -34.12 -5.77
CA ASN A 411 -31.54 -33.63 -6.54
C ASN A 411 -32.22 -32.49 -5.78
N TYR A 412 -32.63 -31.45 -6.51
CA TYR A 412 -33.08 -30.22 -5.88
C TYR A 412 -34.53 -29.85 -6.19
N TRP A 413 -35.17 -29.21 -5.22
CA TRP A 413 -36.48 -28.59 -5.43
C TRP A 413 -36.35 -27.11 -5.08
N VAL A 414 -36.68 -26.24 -6.02
CA VAL A 414 -36.44 -24.82 -5.84
C VAL A 414 -37.71 -23.99 -5.92
N ALA A 415 -37.92 -23.14 -4.92
CA ALA A 415 -39.02 -22.21 -4.91
C ALA A 415 -38.53 -20.82 -5.31
N THR A 416 -39.19 -20.22 -6.29
CA THR A 416 -38.80 -18.91 -6.80
C THR A 416 -39.96 -17.94 -6.73
N ALA A 417 -39.73 -16.79 -6.11
CA ALA A 417 -40.78 -15.81 -5.85
C ALA A 417 -41.47 -15.36 -7.12
N ASP A 418 -42.80 -15.28 -7.07
CA ASP A 418 -43.60 -14.83 -8.20
C ASP A 418 -44.81 -14.04 -7.71
N ASP A 419 -45.56 -13.48 -8.66
CA ASP A 419 -46.74 -12.69 -8.32
C ASP A 419 -48.03 -13.42 -8.69
N ASP A 420 -47.92 -14.68 -9.11
CA ASP A 420 -49.08 -15.51 -9.40
C ASP A 420 -49.79 -15.85 -8.09
N ARG A 421 -50.73 -14.99 -7.70
CA ARG A 421 -51.43 -15.15 -6.44
C ARG A 421 -52.34 -16.39 -6.45
N LYS A 422 -52.68 -16.84 -7.66
CA LYS A 422 -53.57 -17.98 -7.81
C LYS A 422 -52.84 -19.31 -7.69
N ALA A 423 -51.80 -19.49 -8.50
CA ALA A 423 -51.13 -20.80 -8.58
C ALA A 423 -49.61 -20.67 -8.70
N GLY A 424 -49.03 -19.76 -7.94
CA GLY A 424 -47.59 -19.60 -7.91
C GLY A 424 -46.99 -20.08 -6.60
N TYR A 425 -45.72 -19.78 -6.37
CA TYR A 425 -45.08 -20.09 -5.10
C TYR A 425 -45.59 -19.13 -4.04
N ARG A 426 -46.73 -19.46 -3.46
CA ARG A 426 -47.44 -18.53 -2.58
C ARG A 426 -47.12 -18.74 -1.10
N THR A 427 -47.35 -17.69 -0.31
CA THR A 427 -47.32 -17.80 1.14
C THR A 427 -48.54 -17.08 1.72
N GLU A 428 -49.32 -17.80 2.52
CA GLU A 428 -50.50 -17.22 3.15
C GLU A 428 -50.36 -17.24 4.67
N PHE A 429 -50.75 -16.17 5.34
CA PHE A 429 -50.55 -16.08 6.78
C PHE A 429 -51.76 -15.55 7.52
N ASP A 430 -52.15 -16.25 8.59
CA ASP A 430 -53.16 -15.76 9.50
C ASP A 430 -52.46 -15.24 10.75
N VAL A 431 -52.64 -13.95 11.03
CA VAL A 431 -51.95 -13.31 12.15
C VAL A 431 -52.92 -12.72 13.16
N ASP A 432 -52.87 -13.22 14.38
CA ASP A 432 -53.69 -12.69 15.47
C ASP A 432 -52.82 -11.98 16.49
N PHE A 433 -52.86 -10.65 16.47
CA PHE A 433 -52.07 -9.86 17.40
C PHE A 433 -52.64 -9.94 18.82
N GLY A 434 -53.91 -10.32 18.92
CA GLY A 434 -54.55 -10.48 20.22
C GLY A 434 -53.92 -11.62 21.00
N SER A 435 -54.05 -12.83 20.48
CA SER A 435 -53.49 -14.01 21.13
C SER A 435 -52.00 -14.13 20.86
N LYS A 436 -51.48 -13.20 20.06
CA LYS A 436 -50.07 -13.19 19.65
C LYS A 436 -49.70 -14.49 18.96
N ASN A 437 -50.55 -14.94 18.04
CA ASN A 437 -50.29 -16.18 17.31
C ASN A 437 -50.20 -15.96 15.80
N LEU A 438 -49.36 -16.77 15.15
CA LEU A 438 -49.16 -16.64 13.72
C LEU A 438 -49.17 -18.03 13.07
N SER A 439 -49.89 -18.16 11.97
CA SER A 439 -49.90 -19.42 11.23
C SER A 439 -49.64 -19.14 9.76
N GLY A 440 -49.01 -20.09 9.07
CA GLY A 440 -48.64 -19.88 7.69
C GLY A 440 -48.64 -21.12 6.80
N LYS A 441 -48.95 -20.90 5.53
CA LYS A 441 -48.89 -21.94 4.51
C LYS A 441 -47.92 -21.53 3.41
N LEU A 442 -46.97 -22.40 3.11
CA LEU A 442 -45.98 -22.16 2.06
C LEU A 442 -46.18 -23.18 0.95
N PHE A 443 -46.60 -22.68 -0.21
CA PHE A 443 -47.05 -23.53 -1.31
C PHE A 443 -46.00 -23.74 -2.39
N ASP A 444 -46.21 -24.79 -3.19
CA ASP A 444 -45.44 -25.01 -4.40
C ASP A 444 -46.26 -24.48 -5.58
N LYS A 445 -45.63 -24.33 -6.74
CA LYS A 445 -46.36 -23.86 -7.92
C LYS A 445 -47.43 -24.87 -8.32
N ASN A 446 -48.64 -24.36 -8.52
CA ASN A 446 -49.81 -25.18 -8.87
C ASN A 446 -50.07 -26.29 -7.86
N GLY A 447 -49.80 -26.00 -6.59
CA GLY A 447 -50.06 -26.95 -5.52
C GLY A 447 -51.25 -26.51 -4.68
N VAL A 448 -52.18 -27.43 -4.44
CA VAL A 448 -53.38 -27.12 -3.67
C VAL A 448 -53.06 -27.09 -2.18
N ASN A 449 -52.47 -28.18 -1.68
CA ASN A 449 -52.06 -28.26 -0.29
C ASN A 449 -50.63 -27.77 -0.12
N PRO A 450 -50.39 -27.01 0.96
CA PRO A 450 -49.10 -26.35 1.16
C PRO A 450 -47.95 -27.33 1.43
N VAL A 451 -46.78 -27.00 0.90
CA VAL A 451 -45.58 -27.79 1.12
C VAL A 451 -45.18 -27.69 2.58
N PHE A 452 -45.10 -26.46 3.07
CA PHE A 452 -44.73 -26.23 4.46
C PHE A 452 -45.86 -25.56 5.26
N THR A 453 -45.93 -25.91 6.54
CA THR A 453 -46.85 -25.23 7.45
C THR A 453 -46.05 -24.64 8.60
N VAL A 454 -46.37 -23.39 8.94
CA VAL A 454 -45.64 -22.65 9.95
C VAL A 454 -46.55 -22.32 11.13
N ASN A 455 -46.06 -22.56 12.33
CA ASN A 455 -46.77 -22.15 13.53
C ASN A 455 -45.82 -21.39 14.45
N ALA A 456 -46.11 -20.13 14.68
CA ALA A 456 -45.19 -19.28 15.42
C ALA A 456 -45.89 -18.41 16.45
N LYS A 457 -45.14 -17.99 17.46
CA LYS A 457 -45.65 -17.09 18.49
C LYS A 457 -45.04 -15.71 18.30
N ILE A 458 -45.88 -14.68 18.43
CA ILE A 458 -45.46 -13.31 18.25
C ILE A 458 -44.95 -12.70 19.56
N ASP A 459 -43.80 -12.06 19.49
CA ASP A 459 -43.25 -11.34 20.62
C ASP A 459 -42.58 -10.05 20.15
N GLY A 460 -43.06 -8.92 20.69
CA GLY A 460 -42.55 -7.62 20.31
C GLY A 460 -42.80 -7.33 18.84
N ASN A 461 -41.72 -7.28 18.06
CA ASN A 461 -41.82 -7.03 16.64
C ASN A 461 -41.32 -8.21 15.83
N GLY A 462 -41.25 -9.37 16.46
CA GLY A 462 -40.81 -10.57 15.78
C GLY A 462 -41.72 -11.75 16.07
N PHE A 463 -41.44 -12.89 15.45
CA PHE A 463 -42.15 -14.11 15.79
C PHE A 463 -41.21 -15.30 15.68
N THR A 464 -41.35 -16.24 16.61
CA THR A 464 -40.53 -17.45 16.58
C THR A 464 -41.43 -18.67 16.72
N GLY A 465 -41.16 -19.68 15.90
CA GLY A 465 -41.99 -20.87 15.91
C GLY A 465 -41.33 -22.04 15.21
N GLU A 466 -42.14 -22.95 14.70
CA GLU A 466 -41.63 -24.14 14.04
C GLU A 466 -42.33 -24.34 12.70
N ALA A 467 -41.60 -24.92 11.75
CA ALA A 467 -42.19 -25.31 10.48
C ALA A 467 -42.15 -26.82 10.35
N LYS A 468 -43.19 -27.37 9.73
CA LYS A 468 -43.26 -28.81 9.49
C LYS A 468 -43.79 -29.07 8.09
N THR A 469 -43.49 -30.25 7.55
CA THR A 469 -44.03 -30.67 6.27
C THR A 469 -45.44 -31.23 6.48
N SER A 470 -46.04 -31.74 5.41
CA SER A 470 -47.32 -32.43 5.52
C SER A 470 -47.13 -33.72 6.33
N ASP A 471 -48.20 -34.19 6.94
CA ASP A 471 -48.14 -35.35 7.82
C ASP A 471 -47.79 -36.63 7.05
N ALA A 472 -47.78 -36.53 5.73
CA ALA A 472 -47.48 -37.68 4.87
C ALA A 472 -46.12 -37.52 4.20
N GLY A 473 -45.66 -36.27 4.10
CA GLY A 473 -44.34 -36.00 3.56
C GLY A 473 -44.37 -35.18 2.28
N PHE A 474 -43.21 -34.67 1.90
CA PHE A 474 -43.07 -33.90 0.67
C PHE A 474 -41.98 -34.50 -0.22
N VAL A 475 -42.38 -34.97 -1.40
CA VAL A 475 -41.46 -35.60 -2.34
C VAL A 475 -40.91 -34.59 -3.34
N LEU A 476 -39.60 -34.67 -3.61
CA LEU A 476 -38.94 -33.76 -4.53
C LEU A 476 -39.46 -33.93 -5.96
N ASN A 485 -38.47 -39.49 -0.52
CA ASN A 485 -39.19 -38.27 -0.20
C ASN A 485 -38.65 -37.61 1.07
N VAL A 486 -38.92 -36.32 1.22
CA VAL A 486 -38.41 -35.57 2.36
C VAL A 486 -39.53 -35.23 3.34
N LYS A 487 -39.24 -35.41 4.63
CA LYS A 487 -40.21 -35.14 5.69
C LYS A 487 -39.51 -34.80 6.99
N PHE A 488 -40.00 -33.77 7.67
CA PHE A 488 -39.45 -33.37 8.97
C PHE A 488 -40.42 -32.46 9.71
N SER A 489 -40.27 -32.40 11.03
CA SER A 489 -41.14 -31.57 11.85
C SER A 489 -40.33 -30.69 12.79
N ASP A 490 -40.95 -29.60 13.23
CA ASP A 490 -40.35 -28.67 14.19
C ASP A 490 -38.96 -28.16 13.77
N VAL A 491 -38.90 -27.45 12.65
CA VAL A 491 -37.65 -26.78 12.31
C VAL A 491 -37.77 -25.31 12.72
N ALA A 492 -36.73 -24.80 13.37
CA ALA A 492 -36.76 -23.47 13.95
C ALA A 492 -37.04 -22.41 12.89
N VAL A 493 -38.12 -21.65 13.12
CA VAL A 493 -38.50 -20.56 12.23
C VAL A 493 -38.41 -19.24 12.96
N SER A 494 -37.68 -18.29 12.39
CA SER A 494 -37.59 -16.96 12.98
C SER A 494 -38.02 -15.91 11.96
N GLY A 495 -38.73 -14.90 12.42
CA GLY A 495 -39.18 -13.85 11.54
C GLY A 495 -39.51 -12.58 12.29
N GLY A 496 -39.99 -11.58 11.56
CA GLY A 496 -40.34 -10.32 12.16
C GLY A 496 -41.34 -9.52 11.34
N PHE A 497 -41.89 -8.49 11.99
CA PHE A 497 -42.79 -7.56 11.33
C PHE A 497 -42.02 -6.29 10.98
N TYR A 498 -42.27 -5.77 9.78
CA TYR A 498 -41.50 -4.63 9.29
C TYR A 498 -42.43 -3.49 8.87
N GLY A 499 -41.88 -2.28 8.83
CA GLY A 499 -42.66 -1.10 8.49
C GLY A 499 -43.36 -0.51 9.70
N PRO A 500 -43.77 0.76 9.60
CA PRO A 500 -44.41 1.51 10.68
C PRO A 500 -45.74 0.89 11.14
N THR A 501 -46.50 0.31 10.22
CA THR A 501 -47.82 -0.20 10.56
C THR A 501 -47.83 -1.72 10.68
N ALA A 502 -46.65 -2.33 10.61
CA ALA A 502 -46.49 -3.77 10.64
C ALA A 502 -47.31 -4.45 9.56
N ALA A 503 -47.48 -3.77 8.43
CA ALA A 503 -48.29 -4.27 7.33
C ALA A 503 -47.47 -5.19 6.42
N GLU A 504 -46.26 -5.50 6.84
CA GLU A 504 -45.38 -6.40 6.12
C GLU A 504 -44.73 -7.35 7.12
N LEU A 505 -44.58 -8.62 6.75
CA LEU A 505 -43.85 -9.55 7.61
C LEU A 505 -42.92 -10.41 6.78
N GLY A 506 -41.79 -10.78 7.38
CA GLY A 506 -40.82 -11.61 6.71
C GLY A 506 -40.31 -12.68 7.65
N GLY A 507 -39.71 -13.72 7.08
CA GLY A 507 -39.20 -14.79 7.91
C GLY A 507 -38.25 -15.72 7.19
N GLN A 508 -37.68 -16.65 7.96
CA GLN A 508 -36.73 -17.61 7.43
C GLN A 508 -36.60 -18.84 8.32
N PHE A 509 -36.24 -19.95 7.69
CA PHE A 509 -35.86 -21.15 8.40
C PHE A 509 -34.87 -21.96 7.59
N ARG A 510 -33.95 -22.64 8.30
CA ARG A 510 -32.94 -23.46 7.67
C ARG A 510 -32.71 -24.70 8.52
N TYR A 511 -32.35 -25.80 7.89
CA TYR A 511 -32.19 -27.08 8.59
C TYR A 511 -31.44 -28.10 7.74
N GLN A 512 -30.73 -29.01 8.40
CA GLN A 512 -30.12 -30.13 7.69
C GLN A 512 -29.90 -31.31 8.63
N SER A 513 -29.79 -32.51 8.05
CA SER A 513 -29.52 -33.71 8.85
C SER A 513 -28.34 -34.51 8.30
N ASP A 514 -27.82 -35.42 9.13
CA ASP A 514 -26.69 -36.29 8.79
C ASP A 514 -25.37 -35.54 8.59
N ASN A 515 -25.44 -34.21 8.51
CA ASN A 515 -24.30 -33.36 8.20
C ASN A 515 -23.41 -33.89 7.05
N GLY A 516 -23.92 -33.85 5.82
CA GLY A 516 -25.23 -33.29 5.53
C GLY A 516 -25.87 -33.97 4.33
N SER A 517 -26.88 -34.80 4.60
CA SER A 517 -27.59 -35.51 3.54
C SER A 517 -28.79 -34.70 3.03
N VAL A 518 -29.69 -34.35 3.92
CA VAL A 518 -30.87 -33.56 3.55
C VAL A 518 -30.72 -32.14 4.07
N GLY A 519 -31.07 -31.16 3.23
CA GLY A 519 -30.98 -29.77 3.61
C GLY A 519 -32.14 -28.93 3.08
N VAL A 520 -32.54 -27.93 3.86
CA VAL A 520 -33.62 -27.03 3.49
C VAL A 520 -33.26 -25.60 3.89
N GLY A 521 -33.39 -24.68 2.95
CA GLY A 521 -33.19 -23.28 3.24
C GLY A 521 -34.33 -22.48 2.64
N ALA A 522 -34.96 -21.62 3.43
CA ALA A 522 -36.13 -20.91 2.93
C ALA A 522 -36.33 -19.54 3.58
N VAL A 523 -36.69 -18.57 2.75
CA VAL A 523 -37.02 -17.23 3.21
C VAL A 523 -38.33 -16.77 2.58
N PHE A 524 -39.16 -16.08 3.35
CA PHE A 524 -40.46 -15.66 2.84
C PHE A 524 -40.86 -14.25 3.23
N GLY A 525 -41.76 -13.67 2.45
CA GLY A 525 -42.29 -12.34 2.70
C GLY A 525 -43.76 -12.27 2.37
N ALA A 526 -44.49 -11.44 3.12
CA ALA A 526 -45.93 -11.33 2.93
C ALA A 526 -46.45 -9.96 3.33
N LYS A 527 -47.44 -9.47 2.58
CA LYS A 527 -48.02 -8.16 2.84
C LYS A 527 -49.41 -8.29 3.45
N GLN A 528 -49.75 -7.37 4.33
CA GLN A 528 -51.06 -7.35 4.98
C GLN A 528 -52.16 -7.15 3.93
N GLN A 529 -53.31 -7.76 4.16
CA GLN A 529 -54.39 -7.75 3.20
C GLN A 529 -55.65 -7.09 3.74
N VAL A 530 -56.43 -6.53 2.83
CA VAL A 530 -57.75 -6.01 3.14
C VAL A 530 -58.74 -6.74 2.23
N LYS A 531 -59.93 -7.03 2.75
CA LYS A 531 -60.91 -7.83 2.03
C LYS A 531 -61.50 -7.12 0.80
N LYS A 532 -61.84 -7.91 -0.20
CA LYS A 532 -62.51 -7.41 -1.41
C LYS A 532 -61.73 -6.31 -2.11
N GLU B 20 16.58 -24.24 -38.66
CA GLU B 20 17.86 -24.22 -39.35
C GLU B 20 18.94 -23.52 -38.53
N TYR B 21 18.50 -22.75 -37.55
CA TYR B 21 19.41 -22.04 -36.64
C TYR B 21 19.13 -22.41 -35.19
N LYS B 22 20.18 -22.48 -34.38
CA LYS B 22 20.00 -22.69 -32.95
C LYS B 22 20.90 -21.75 -32.15
N ASP B 23 20.58 -21.58 -30.87
CA ASP B 23 21.34 -20.69 -30.01
C ASP B 23 22.76 -21.21 -29.80
N VAL B 24 23.73 -20.30 -29.78
CA VAL B 24 25.13 -20.65 -29.53
C VAL B 24 25.28 -21.24 -28.13
N GLU B 25 25.90 -22.42 -28.06
CA GLU B 25 26.18 -23.06 -26.77
C GLU B 25 27.08 -22.16 -25.94
N THR B 26 26.55 -21.64 -24.83
CA THR B 26 27.32 -20.74 -23.97
C THR B 26 27.37 -21.22 -22.53
N ASP B 27 28.45 -20.86 -21.85
CA ASP B 27 28.60 -21.16 -20.42
C ASP B 27 27.80 -20.18 -19.60
N LYS B 28 27.04 -20.70 -18.63
CA LYS B 28 26.21 -19.87 -17.78
C LYS B 28 27.04 -18.85 -16.99
N LYS B 29 26.44 -17.69 -16.75
CA LYS B 29 27.05 -16.67 -15.90
C LYS B 29 27.34 -17.22 -14.51
N VAL B 30 28.60 -17.12 -14.08
CA VAL B 30 28.99 -17.63 -12.77
C VAL B 30 28.41 -16.77 -11.65
N LYS B 31 27.54 -17.38 -10.84
CA LYS B 31 26.92 -16.66 -9.73
C LYS B 31 27.84 -16.65 -8.51
N GLU B 32 28.24 -15.46 -8.10
CA GLU B 32 29.10 -15.32 -6.94
C GLU B 32 28.28 -14.82 -5.76
N GLN B 33 27.94 -15.72 -4.84
CA GLN B 33 27.15 -15.35 -3.68
C GLN B 33 27.96 -14.43 -2.76
N LEU B 34 27.53 -13.18 -2.67
CA LEU B 34 28.15 -12.23 -1.78
C LEU B 34 27.66 -12.46 -0.35
N GLY B 35 28.46 -12.04 0.63
CA GLY B 35 28.01 -12.02 2.00
C GLY B 35 26.99 -10.90 2.16
N GLU B 36 26.28 -10.87 3.28
CA GLU B 36 25.27 -9.85 3.50
C GLU B 36 25.96 -8.49 3.72
N LEU B 37 27.24 -8.56 4.03
CA LEU B 37 28.05 -7.38 4.29
C LEU B 37 28.64 -6.83 3.00
N MET B 38 28.41 -7.55 1.91
CA MET B 38 28.98 -7.18 0.61
C MET B 38 27.90 -6.77 -0.37
N GLU B 39 26.68 -6.60 0.13
CA GLU B 39 25.57 -6.18 -0.72
C GLU B 39 25.69 -4.71 -1.10
N PRO B 40 25.64 -4.44 -2.41
CA PRO B 40 25.71 -3.07 -2.92
C PRO B 40 24.44 -2.28 -2.62
N ALA B 41 24.60 -0.96 -2.49
CA ALA B 41 23.48 -0.05 -2.28
C ALA B 41 23.93 1.37 -2.58
N LEU B 42 22.99 2.29 -2.71
CA LEU B 42 23.33 3.69 -2.95
C LEU B 42 24.16 4.23 -1.80
N GLY B 43 23.89 3.74 -0.59
CA GLY B 43 24.63 4.16 0.58
C GLY B 43 24.28 3.36 1.82
N TYR B 44 25.02 3.61 2.89
CA TYR B 44 24.79 2.96 4.17
C TYR B 44 24.91 3.97 5.29
N VAL B 45 24.20 3.72 6.39
CA VAL B 45 24.23 4.57 7.56
C VAL B 45 24.28 3.69 8.79
N VAL B 46 24.97 4.17 9.83
CA VAL B 46 25.12 3.43 11.08
C VAL B 46 24.92 4.37 12.26
N LYS B 47 24.08 3.94 13.19
CA LYS B 47 23.84 4.67 14.43
C LYS B 47 25.07 4.58 15.34
N VAL B 48 25.56 5.72 15.79
CA VAL B 48 26.68 5.76 16.71
C VAL B 48 26.31 5.07 18.02
N PRO B 49 27.08 4.03 18.40
CA PRO B 49 26.80 3.24 19.60
C PRO B 49 26.83 4.05 20.88
N VAL B 50 25.74 3.98 21.65
CA VAL B 50 25.68 4.61 22.95
C VAL B 50 25.24 3.57 23.99
N SER B 51 26.14 3.22 24.89
CA SER B 51 25.86 2.19 25.89
C SER B 51 24.79 2.64 26.87
N GLN B 52 23.72 1.87 26.96
CA GLN B 52 22.62 2.15 27.88
C GLN B 52 23.01 1.92 29.33
N SER B 53 22.05 2.06 30.23
CA SER B 53 22.31 1.88 31.65
C SER B 53 22.41 0.39 31.99
N GLY B 54 23.56 -0.01 32.51
CA GLY B 54 23.83 -1.40 32.79
C GLY B 54 24.88 -1.98 31.86
N VAL B 55 24.70 -1.76 30.56
CA VAL B 55 25.61 -2.28 29.56
C VAL B 55 26.99 -1.62 29.63
N LYS B 56 28.04 -2.42 29.45
CA LYS B 56 29.41 -1.92 29.49
C LYS B 56 30.01 -1.79 28.10
N ARG B 57 29.52 -2.62 27.17
CA ARG B 57 30.04 -2.60 25.80
C ARG B 57 28.92 -2.75 24.78
N THR B 58 28.77 -1.74 23.92
CA THR B 58 27.75 -1.76 22.87
C THR B 58 28.43 -1.72 21.50
N GLU B 59 28.31 -2.80 20.73
CA GLU B 59 28.98 -2.94 19.45
C GLU B 59 28.32 -2.22 18.30
N ILE B 60 29.05 -2.07 17.21
CA ILE B 60 28.52 -1.48 15.98
C ILE B 60 27.41 -2.35 15.40
N SER B 61 26.19 -1.82 15.35
CA SER B 61 25.07 -2.56 14.80
C SER B 61 25.21 -2.74 13.29
N ASN B 62 24.28 -3.47 12.68
CA ASN B 62 24.33 -3.69 11.25
C ASN B 62 23.99 -2.41 10.48
N PRO B 63 24.82 -2.08 9.49
CA PRO B 63 24.60 -0.91 8.63
C PRO B 63 23.27 -0.95 7.90
N GLU B 64 22.46 0.08 8.07
CA GLU B 64 21.18 0.20 7.37
C GLU B 64 21.42 0.78 5.98
N ALA B 65 20.75 0.22 4.98
CA ALA B 65 20.95 0.68 3.60
C ALA B 65 20.24 1.99 3.31
N ILE B 66 20.83 2.79 2.43
CA ILE B 66 20.25 4.07 2.02
C ILE B 66 19.71 4.00 0.61
N THR B 67 18.42 4.29 0.46
CA THR B 67 17.75 4.17 -0.84
C THR B 67 17.38 5.52 -1.46
N ASP B 68 17.43 6.59 -0.66
CA ASP B 68 17.03 7.91 -1.14
C ASP B 68 18.01 8.44 -2.18
N GLU B 69 17.51 9.27 -3.08
CA GLU B 69 18.35 9.82 -4.15
C GLU B 69 18.49 11.34 -4.05
N ASP B 70 18.46 11.84 -2.82
CA ASP B 70 18.74 13.25 -2.56
C ASP B 70 20.04 13.34 -1.77
N LEU B 71 21.10 13.84 -2.41
CA LEU B 71 22.42 13.91 -1.81
C LEU B 71 22.46 14.84 -0.60
N ASN B 72 21.73 15.96 -0.69
CA ASN B 72 21.78 16.97 0.34
C ASN B 72 20.85 16.66 1.51
N LYS B 73 20.35 15.42 1.55
CA LYS B 73 19.54 14.94 2.66
C LYS B 73 20.39 14.05 3.56
N ILE B 74 20.64 14.51 4.78
CA ILE B 74 21.42 13.74 5.74
C ILE B 74 20.55 12.71 6.44
N PRO B 75 20.98 11.43 6.43
CA PRO B 75 20.21 10.33 7.01
C PRO B 75 19.89 10.51 8.50
N ASN B 76 18.60 10.43 8.83
CA ASN B 76 18.12 10.50 10.20
C ASN B 76 18.56 11.76 10.94
N TYR B 77 18.63 12.88 10.21
CA TYR B 77 19.05 14.14 10.79
C TYR B 77 18.02 14.68 11.78
N GLU B 78 16.76 14.63 11.39
CA GLU B 78 15.69 15.19 12.22
C GLU B 78 15.51 14.43 13.54
N ILE B 79 15.92 13.16 13.54
CA ILE B 79 15.81 12.35 14.74
C ILE B 79 16.83 12.79 15.80
N ILE B 80 18.10 12.78 15.42
CA ILE B 80 19.17 13.19 16.33
C ILE B 80 18.98 14.67 16.70
N LYS B 81 18.41 15.45 15.79
CA LYS B 81 18.06 16.83 16.07
C LYS B 81 17.01 16.90 17.19
N GLY B 82 15.97 16.10 17.04
CA GLY B 82 14.88 16.06 18.01
C GLY B 82 15.32 15.52 19.35
N VAL B 83 16.42 14.78 19.37
CA VAL B 83 16.98 14.27 20.62
C VAL B 83 17.82 15.34 21.30
N ALA B 84 18.71 15.95 20.52
CA ALA B 84 19.71 16.88 21.03
C ALA B 84 19.11 18.21 21.47
N TYR B 85 18.07 18.67 20.77
CA TYR B 85 17.56 20.03 20.98
C TYR B 85 16.97 20.30 22.36
N PRO B 86 16.13 19.39 22.90
CA PRO B 86 15.63 19.71 24.25
C PRO B 86 16.68 19.59 25.35
N ASN B 87 17.81 18.96 25.04
CA ASN B 87 18.87 18.78 26.02
C ASN B 87 20.05 19.73 25.81
N TYR B 88 19.81 20.84 25.10
CA TYR B 88 20.84 21.85 24.87
C TYR B 88 22.10 21.25 24.25
N GLY B 89 21.93 20.54 23.16
CA GLY B 89 23.06 19.99 22.45
C GLY B 89 23.16 20.72 21.13
N GLU B 90 24.24 20.48 20.40
CA GLU B 90 24.42 21.14 19.12
C GLU B 90 24.87 20.14 18.08
N LEU B 91 24.22 20.16 16.92
CA LEU B 91 24.54 19.22 15.86
C LEU B 91 25.66 19.77 14.99
N VAL B 92 26.56 18.87 14.60
CA VAL B 92 27.60 19.20 13.65
C VAL B 92 27.67 18.09 12.61
N ASP B 93 27.61 18.46 11.34
CA ASP B 93 27.57 17.48 10.26
C ASP B 93 28.67 17.73 9.22
N LYS B 94 29.44 16.67 8.97
CA LYS B 94 30.41 16.67 7.90
C LYS B 94 29.90 15.73 6.83
N THR B 95 29.43 16.25 5.70
CA THR B 95 28.91 15.43 4.63
C THR B 95 29.80 15.30 3.43
N ALA B 96 30.83 16.11 3.39
CA ALA B 96 31.74 16.17 2.24
C ALA B 96 31.05 16.75 1.01
N ALA B 97 30.01 17.51 1.28
CA ALA B 97 29.24 18.20 0.27
C ALA B 97 30.11 19.23 -0.44
N GLU B 98 30.98 19.94 0.29
CA GLU B 98 31.65 21.03 -0.41
C GLU B 98 32.41 20.43 -1.60
N THR B 99 33.03 19.28 -1.37
CA THR B 99 34.10 18.82 -2.25
C THR B 99 33.61 17.84 -3.32
N MET B 100 32.48 17.21 -3.09
CA MET B 100 31.98 16.18 -4.00
C MET B 100 30.71 16.58 -4.74
N LYS B 101 30.43 15.89 -5.84
CA LYS B 101 29.29 16.22 -6.69
C LYS B 101 28.25 15.09 -6.71
N TYR B 102 28.73 13.85 -6.67
CA TYR B 102 27.84 12.68 -6.76
C TYR B 102 27.83 11.83 -5.49
N VAL B 103 28.73 12.11 -4.56
CA VAL B 103 28.82 11.33 -3.32
C VAL B 103 28.85 12.20 -2.08
N ARG B 104 28.45 11.61 -0.95
CA ARG B 104 28.53 12.25 0.35
C ARG B 104 29.02 11.22 1.35
N SER B 105 29.81 11.64 2.32
CA SER B 105 30.26 10.74 3.37
C SER B 105 30.64 11.52 4.62
N GLY B 106 30.45 10.91 5.78
CA GLY B 106 30.84 11.55 7.02
C GLY B 106 29.92 11.24 8.18
N TYR B 107 29.50 12.29 8.88
CA TYR B 107 28.74 12.12 10.11
C TYR B 107 27.80 13.29 10.39
N VAL B 108 26.87 13.05 11.31
CA VAL B 108 26.12 14.14 11.96
C VAL B 108 26.01 13.76 13.43
N ILE B 109 26.63 14.55 14.31
CA ILE B 109 26.69 14.18 15.72
C ILE B 109 26.34 15.32 16.67
N ASP B 110 26.11 14.97 17.93
CA ASP B 110 25.89 15.95 18.98
C ASP B 110 27.22 16.25 19.65
N VAL B 111 27.67 17.49 19.52
CA VAL B 111 28.96 17.91 20.05
C VAL B 111 28.96 17.85 21.57
N TYR B 112 27.84 18.24 22.16
CA TYR B 112 27.72 18.27 23.61
C TYR B 112 26.93 17.07 24.11
N HIS B 113 27.30 15.89 23.60
CA HIS B 113 26.63 14.67 24.00
C HIS B 113 27.08 14.22 25.39
N SER B 114 26.13 13.73 26.17
CA SER B 114 26.40 13.17 27.48
C SER B 114 25.26 12.24 27.88
N GLY B 115 25.58 11.26 28.71
CA GLY B 115 24.56 10.34 29.20
C GLY B 115 24.29 9.20 28.25
N THR B 116 23.04 8.75 28.22
CA THR B 116 22.66 7.56 27.48
C THR B 116 21.85 7.89 26.22
N ARG B 117 21.67 9.18 25.96
CA ARG B 117 20.91 9.60 24.79
C ARG B 117 21.74 9.49 23.51
N ASP B 118 21.06 9.46 22.37
CA ASP B 118 21.69 9.26 21.07
C ASP B 118 22.76 10.31 20.76
N LYS B 119 23.79 9.91 20.03
CA LYS B 119 24.91 10.79 19.74
C LYS B 119 24.92 11.26 18.28
N GLY B 120 24.51 10.38 17.36
CA GLY B 120 24.46 10.75 15.96
C GLY B 120 24.58 9.58 14.98
N TYR B 121 24.92 9.89 13.74
CA TYR B 121 25.00 8.87 12.69
C TYR B 121 26.25 9.04 11.84
N VAL B 122 26.79 7.91 11.36
CA VAL B 122 27.92 7.91 10.44
C VAL B 122 27.50 7.23 9.15
N PHE B 123 27.75 7.87 8.01
CA PHE B 123 27.18 7.38 6.76
C PHE B 123 28.02 7.63 5.52
N TYR B 124 27.58 7.01 4.43
CA TYR B 124 28.03 7.33 3.09
C TYR B 124 26.86 7.11 2.14
N LYS B 125 26.83 7.85 1.05
CA LYS B 125 25.78 7.71 0.05
C LYS B 125 26.24 8.27 -1.29
N GLY B 126 25.54 7.89 -2.35
CA GLY B 126 25.84 8.40 -3.67
C GLY B 126 24.65 8.25 -4.59
N ILE B 127 24.64 9.03 -5.67
CA ILE B 127 23.59 8.92 -6.68
C ILE B 127 24.21 8.65 -8.04
N THR B 128 23.39 8.14 -8.95
CA THR B 128 23.82 7.78 -10.30
C THR B 128 25.07 6.89 -10.24
N PRO B 129 24.90 5.63 -9.83
CA PRO B 129 26.03 4.69 -9.91
C PRO B 129 26.50 4.57 -11.35
N SER B 130 27.82 4.47 -11.56
CA SER B 130 28.39 4.62 -12.88
C SER B 130 28.03 3.47 -13.80
N LYS B 131 27.69 3.81 -15.05
CA LYS B 131 27.42 2.81 -16.07
C LYS B 131 28.57 2.83 -17.08
N GLU B 132 29.47 3.79 -16.91
CA GLU B 132 30.65 3.91 -17.73
C GLU B 132 31.91 4.00 -16.88
N LEU B 133 32.90 3.17 -17.19
CA LEU B 133 34.16 3.19 -16.46
C LEU B 133 35.30 3.73 -17.33
N PRO B 134 36.25 4.43 -16.71
CA PRO B 134 37.43 4.96 -17.41
C PRO B 134 38.21 3.90 -18.16
N GLN B 135 38.95 4.33 -19.18
CA GLN B 135 39.77 3.44 -19.99
C GLN B 135 41.15 4.04 -20.20
N GLY B 136 42.18 3.36 -19.72
CA GLY B 136 43.53 3.87 -19.86
C GLY B 136 44.38 3.61 -18.63
N PRO B 137 45.19 4.61 -18.25
CA PRO B 137 46.07 4.48 -17.08
C PRO B 137 45.26 4.41 -15.78
N ALA B 138 45.89 3.94 -14.71
CA ALA B 138 45.23 3.89 -13.41
C ALA B 138 44.92 5.29 -12.91
N LEU B 139 43.80 5.45 -12.21
CA LEU B 139 43.44 6.76 -11.67
C LEU B 139 43.64 6.80 -10.17
N THR B 140 43.97 7.98 -9.66
CA THR B 140 44.16 8.16 -8.22
C THR B 140 43.04 9.03 -7.65
N TYR B 141 42.23 8.42 -6.78
CA TYR B 141 41.16 9.14 -6.11
C TYR B 141 41.62 9.65 -4.75
N GLN B 142 41.28 10.89 -4.44
CA GLN B 142 41.63 11.47 -3.15
C GLN B 142 40.40 12.08 -2.50
N GLY B 143 40.30 11.91 -1.18
CA GLY B 143 39.17 12.44 -0.44
C GLY B 143 39.37 12.30 1.04
N GLU B 144 38.28 12.07 1.77
CA GLU B 144 38.36 11.95 3.21
C GLU B 144 37.61 10.72 3.71
N TRP B 145 37.92 10.33 4.94
CA TRP B 145 37.23 9.21 5.58
C TRP B 145 36.81 9.61 6.99
N ASP B 146 35.79 8.93 7.49
CA ASP B 146 35.31 9.15 8.84
C ASP B 146 34.99 7.81 9.49
N PHE B 147 34.64 7.83 10.77
CA PHE B 147 34.41 6.60 11.50
C PHE B 147 33.65 6.84 12.79
N THR B 148 32.93 5.82 13.24
CA THR B 148 32.48 5.77 14.62
C THR B 148 33.09 4.53 15.24
N SER B 149 33.40 4.61 16.53
CA SER B 149 34.06 3.52 17.21
C SER B 149 33.08 2.68 18.01
N ASP B 150 33.59 1.62 18.61
CA ASP B 150 32.84 0.81 19.53
C ASP B 150 32.64 1.58 20.83
N ALA B 151 31.72 1.14 21.67
CA ALA B 151 31.59 1.72 23.01
C ALA B 151 32.03 0.68 24.02
N ASN B 152 32.92 1.06 24.94
CA ASN B 152 33.44 0.09 25.89
C ASN B 152 33.84 0.72 27.22
N LEU B 153 33.13 0.35 28.28
CA LEU B 153 33.40 0.87 29.62
C LEU B 153 34.52 0.12 30.32
N ASN B 154 34.62 -1.18 30.02
CA ASN B 154 35.51 -2.09 30.74
C ASN B 154 36.93 -1.56 30.89
N ASN B 155 37.46 -1.66 32.10
CA ASN B 155 38.79 -1.13 32.41
C ASN B 155 39.88 -2.05 31.91
N GLU B 156 39.52 -3.30 31.69
CA GLU B 156 40.43 -4.24 31.09
C GLU B 156 40.77 -3.76 29.72
N GLU B 157 39.77 -3.27 29.00
CA GLU B 157 39.96 -2.73 27.66
C GLU B 157 40.93 -1.56 27.75
N GLY B 158 40.74 -0.71 28.75
CA GLY B 158 41.67 0.34 29.05
C GLY B 158 41.55 1.59 28.19
N ARG B 159 40.33 1.92 27.78
CA ARG B 159 40.10 3.11 26.98
C ARG B 159 40.31 4.38 27.80
N PRO B 160 40.95 5.39 27.19
CA PRO B 160 41.42 6.57 27.91
C PRO B 160 40.33 7.54 28.34
N THR B 161 40.68 8.47 29.22
CA THR B 161 39.79 9.54 29.62
C THR B 161 40.53 10.88 29.52
N ALA B 162 39.84 11.89 28.98
CA ALA B 162 40.37 13.25 28.90
C ALA B 162 41.72 13.33 28.19
N LEU B 163 41.70 13.27 26.86
CA LEU B 163 42.87 13.57 26.06
C LEU B 163 42.64 14.90 25.35
N ASN B 164 42.63 15.98 26.13
CA ASN B 164 42.21 17.30 25.65
C ASN B 164 43.15 17.94 24.62
N ASP B 165 44.09 17.16 24.11
CA ASP B 165 44.93 17.62 23.00
C ASP B 165 44.44 17.01 21.69
N ASP B 166 43.85 15.83 21.78
CA ASP B 166 43.42 15.08 20.60
C ASP B 166 41.92 15.22 20.35
N TYR B 167 41.11 15.05 21.40
CA TYR B 167 39.67 15.03 21.25
C TYR B 167 38.96 16.04 22.14
N TYR B 168 37.77 16.48 21.73
CA TYR B 168 36.94 17.38 22.52
C TYR B 168 36.18 16.64 23.61
N THR B 169 36.32 15.34 23.65
CA THR B 169 35.50 14.53 24.50
C THR B 169 36.28 13.92 25.61
N THR B 170 35.71 13.95 26.80
CA THR B 170 36.23 13.18 27.89
C THR B 170 35.76 11.76 27.66
N ALA B 171 36.39 10.81 28.32
CA ALA B 171 35.94 9.42 28.30
C ALA B 171 35.76 8.80 26.92
N ILE B 172 36.77 8.89 26.09
CA ILE B 172 36.64 8.45 24.71
C ILE B 172 36.30 7.00 24.54
N GLY B 173 35.26 6.75 23.80
CA GLY B 173 34.77 5.45 23.40
C GLY B 173 34.34 4.59 24.57
N LYS B 174 33.92 5.23 25.65
CA LYS B 174 33.50 4.52 26.84
C LYS B 174 31.97 4.45 26.91
N ARG B 175 31.37 5.60 27.20
CA ARG B 175 29.92 5.71 27.31
C ARG B 175 29.28 5.81 25.93
N ALA B 176 29.98 6.44 24.99
CA ALA B 176 29.51 6.57 23.63
C ALA B 176 30.69 6.40 22.69
N GLY B 177 30.42 5.86 21.50
CA GLY B 177 31.49 5.59 20.54
C GLY B 177 32.27 6.83 20.15
N LEU B 178 33.52 6.64 19.79
CA LEU B 178 34.35 7.74 19.34
C LEU B 178 34.11 8.00 17.86
N VAL B 179 33.56 9.16 17.54
CA VAL B 179 33.37 9.56 16.16
C VAL B 179 34.55 10.41 15.72
N SER B 180 34.84 10.41 14.42
CA SER B 180 35.94 11.19 13.88
C SER B 180 35.74 12.68 14.13
N GLY B 181 34.48 13.08 14.34
CA GLY B 181 34.16 14.47 14.58
C GLY B 181 34.50 14.91 16.00
N ASP B 182 34.80 13.95 16.87
CA ASP B 182 35.17 14.24 18.25
C ASP B 182 36.63 14.66 18.35
N ALA B 183 37.38 14.41 17.28
CA ALA B 183 38.81 14.71 17.28
C ALA B 183 39.07 16.18 16.98
N LYS B 184 40.15 16.71 17.55
CA LYS B 184 40.55 18.08 17.29
C LYS B 184 41.36 18.14 16.01
N PRO B 185 41.02 19.09 15.12
CA PRO B 185 41.71 19.27 13.83
C PRO B 185 43.18 19.61 14.02
N SER B 186 43.50 20.18 15.19
CA SER B 186 44.86 20.58 15.53
C SER B 186 45.84 19.41 15.57
N LYS B 187 45.31 18.21 15.78
CA LYS B 187 46.15 17.03 15.94
C LYS B 187 45.74 15.88 15.03
N HIS B 188 44.55 15.97 14.43
CA HIS B 188 44.03 14.87 13.63
C HIS B 188 43.33 15.33 12.36
N LYS B 189 43.81 14.84 11.22
CA LYS B 189 43.16 15.03 9.94
C LYS B 189 43.05 13.70 9.21
N TYR B 190 41.83 13.23 9.00
CA TYR B 190 41.61 11.93 8.40
C TYR B 190 41.40 12.03 6.90
N THR B 191 42.42 11.64 6.15
CA THR B 191 42.40 11.70 4.70
C THR B 191 42.41 10.31 4.08
N SER B 192 41.91 10.20 2.85
CA SER B 192 41.85 8.93 2.15
C SER B 192 42.41 9.04 0.75
N GLN B 193 43.20 8.04 0.35
CA GLN B 193 43.76 8.01 -1.00
C GLN B 193 43.70 6.61 -1.60
N PHE B 194 43.28 6.51 -2.86
CA PHE B 194 43.17 5.24 -3.55
C PHE B 194 43.81 5.27 -4.93
N LYS B 195 44.36 4.13 -5.35
CA LYS B 195 44.78 3.95 -6.73
C LYS B 195 43.95 2.82 -7.32
N VAL B 196 43.31 3.13 -8.43
CA VAL B 196 42.34 2.22 -9.03
C VAL B 196 42.76 1.87 -10.45
N ASP B 197 42.96 0.58 -10.69
CA ASP B 197 43.27 0.09 -12.03
C ASP B 197 42.06 -0.66 -12.58
N PHE B 198 41.44 -0.08 -13.60
CA PHE B 198 40.24 -0.65 -14.19
C PHE B 198 40.59 -1.76 -15.17
N ALA B 199 41.86 -1.83 -15.54
CA ALA B 199 42.33 -2.88 -16.43
C ALA B 199 42.38 -4.23 -15.73
N THR B 200 43.13 -4.30 -14.64
CA THR B 200 43.25 -5.54 -13.85
C THR B 200 42.07 -5.71 -12.90
N LYS B 201 41.16 -4.72 -12.90
CA LYS B 201 40.01 -4.70 -12.01
C LYS B 201 40.48 -4.81 -10.57
N LYS B 202 41.45 -3.96 -10.22
CA LYS B 202 42.07 -4.03 -8.89
C LYS B 202 42.21 -2.65 -8.27
N MET B 203 42.17 -2.60 -6.94
CA MET B 203 42.22 -1.33 -6.24
C MET B 203 43.07 -1.42 -4.97
N THR B 204 43.94 -0.44 -4.78
CA THR B 204 44.70 -0.33 -3.53
C THR B 204 44.49 1.06 -2.94
N GLY B 205 44.95 1.27 -1.72
CA GLY B 205 44.84 2.58 -1.11
C GLY B 205 45.24 2.64 0.36
N LYS B 206 45.32 3.86 0.88
CA LYS B 206 45.67 4.11 2.26
C LYS B 206 44.69 5.09 2.91
N LEU B 207 44.32 4.79 4.15
CA LEU B 207 43.54 5.71 4.97
C LEU B 207 44.47 6.25 6.05
N SER B 208 44.71 7.56 6.03
CA SER B 208 45.72 8.14 6.92
C SER B 208 45.15 9.15 7.90
N ASP B 209 45.78 9.22 9.07
CA ASP B 209 45.55 10.30 10.01
C ASP B 209 46.77 11.20 9.98
N LYS B 210 46.57 12.46 9.57
CA LYS B 210 47.68 13.36 9.27
C LYS B 210 48.61 12.76 8.23
N GLU B 211 49.72 12.19 8.71
CA GLU B 211 50.73 11.63 7.83
C GLU B 211 50.98 10.16 8.15
N LYS B 212 50.33 9.67 9.20
CA LYS B 212 50.45 8.27 9.60
C LYS B 212 49.43 7.40 8.89
N THR B 213 49.88 6.26 8.37
CA THR B 213 48.97 5.33 7.69
C THR B 213 48.25 4.43 8.69
N ILE B 214 46.93 4.62 8.78
CA ILE B 214 46.09 3.87 9.70
C ILE B 214 45.65 2.53 9.12
N TYR B 215 44.99 2.60 7.97
CA TYR B 215 44.53 1.40 7.27
C TYR B 215 45.07 1.38 5.85
N THR B 216 45.31 0.18 5.33
CA THR B 216 45.57 0.02 3.90
C THR B 216 44.44 -0.79 3.31
N VAL B 217 43.95 -0.41 2.13
CA VAL B 217 42.80 -1.09 1.56
C VAL B 217 43.12 -1.77 0.23
N ASN B 218 42.59 -2.97 0.06
CA ASN B 218 42.69 -3.70 -1.20
C ASN B 218 41.31 -4.15 -1.65
N ALA B 219 41.01 -4.05 -2.95
CA ALA B 219 39.67 -4.38 -3.41
C ALA B 219 39.64 -4.81 -4.88
N ASP B 220 38.70 -5.70 -5.17
CA ASP B 220 38.42 -6.12 -6.54
C ASP B 220 37.17 -5.39 -7.04
N ILE B 221 37.19 -5.00 -8.31
CA ILE B 221 36.08 -4.26 -8.90
C ILE B 221 35.13 -5.16 -9.69
N ARG B 222 33.84 -5.07 -9.36
CA ARG B 222 32.80 -5.79 -10.09
C ARG B 222 31.66 -4.82 -10.42
N GLY B 223 31.34 -4.71 -11.71
CA GLY B 223 30.36 -3.73 -12.16
C GLY B 223 30.85 -2.33 -11.86
N ASN B 224 30.07 -1.58 -11.10
CA ASN B 224 30.50 -0.26 -10.64
C ASN B 224 30.68 -0.27 -9.12
N ARG B 225 30.86 -1.45 -8.56
CA ARG B 225 31.10 -1.61 -7.14
C ARG B 225 32.49 -2.19 -6.91
N PHE B 226 32.99 -2.11 -5.69
CA PHE B 226 34.23 -2.78 -5.33
C PHE B 226 34.11 -3.44 -3.96
N THR B 227 34.66 -4.66 -3.86
CA THR B 227 34.62 -5.44 -2.63
C THR B 227 36.02 -5.89 -2.24
N GLY B 228 36.34 -5.80 -0.96
CA GLY B 228 37.66 -6.21 -0.50
C GLY B 228 37.87 -6.09 0.99
N SER B 229 39.08 -5.75 1.38
CA SER B 229 39.46 -5.72 2.79
C SER B 229 40.28 -4.49 3.15
N ALA B 230 40.27 -4.15 4.43
CA ALA B 230 41.11 -3.10 4.98
C ALA B 230 41.94 -3.65 6.13
N THR B 231 43.26 -3.64 5.95
CA THR B 231 44.19 -4.17 6.93
C THR B 231 44.75 -3.03 7.79
N ALA B 232 44.81 -3.27 9.11
CA ALA B 232 45.32 -2.28 10.04
C ALA B 232 46.85 -2.26 10.06
N SER B 233 47.42 -1.07 9.96
CA SER B 233 48.87 -0.91 9.98
C SER B 233 49.45 -1.13 11.37
N ASP B 234 48.68 -0.78 12.39
CA ASP B 234 49.11 -0.94 13.78
C ASP B 234 48.25 -2.00 14.46
N LYS B 235 48.81 -3.20 14.60
CA LYS B 235 48.06 -4.34 15.14
C LYS B 235 47.98 -4.30 16.66
N ASP B 236 48.83 -3.50 17.30
CA ASP B 236 48.90 -3.47 18.75
C ASP B 236 47.88 -2.51 19.34
N LYS B 237 46.95 -3.07 20.12
CA LYS B 237 45.86 -2.28 20.68
C LYS B 237 46.38 -1.32 21.74
N GLY B 238 47.29 -1.79 22.58
CA GLY B 238 47.84 -0.98 23.64
C GLY B 238 46.82 -0.77 24.73
N LYS B 239 47.03 0.25 25.55
CA LYS B 239 46.11 0.54 26.64
C LYS B 239 46.32 1.97 27.16
N GLY B 240 45.34 2.48 27.88
CA GLY B 240 45.42 3.82 28.46
C GLY B 240 45.46 4.89 27.40
N ALA B 241 46.34 5.88 27.57
CA ALA B 241 46.48 6.96 26.61
C ALA B 241 47.16 6.47 25.34
N SER B 242 47.62 5.22 25.36
CA SER B 242 48.28 4.61 24.22
C SER B 242 47.33 3.65 23.51
N TYR B 243 46.04 3.92 23.63
CA TYR B 243 45.01 3.04 23.05
C TYR B 243 44.87 3.22 21.55
N ASN B 244 44.91 2.11 20.82
CA ASN B 244 44.74 2.10 19.37
C ASN B 244 43.36 1.60 18.96
N PHE B 245 42.54 2.50 18.40
CA PHE B 245 41.20 2.13 17.97
C PHE B 245 41.20 1.40 16.63
N PHE B 246 42.37 1.30 16.01
CA PHE B 246 42.48 0.74 14.67
C PHE B 246 43.43 -0.45 14.62
N SER B 247 43.16 -1.44 15.46
CA SER B 247 44.02 -2.62 15.55
C SER B 247 43.42 -3.79 14.77
N VAL B 248 42.12 -3.75 14.56
CA VAL B 248 41.42 -4.84 13.92
C VAL B 248 41.24 -4.61 12.42
N ASP B 249 41.49 -5.66 11.64
CA ASP B 249 41.31 -5.60 10.19
C ASP B 249 39.83 -5.72 9.84
N SER B 250 39.53 -5.72 8.55
CA SER B 250 38.16 -5.86 8.09
C SER B 250 38.10 -6.62 6.77
N GLN B 251 37.33 -7.70 6.75
CA GLN B 251 37.15 -8.50 5.53
C GLN B 251 35.86 -8.12 4.83
N SER B 252 35.35 -6.92 5.13
CA SER B 252 34.04 -6.52 4.63
C SER B 252 34.02 -5.07 4.12
N LEU B 253 34.98 -4.72 3.28
CA LEU B 253 35.01 -3.39 2.66
C LEU B 253 34.18 -3.40 1.38
N GLU B 254 33.16 -2.56 1.32
CA GLU B 254 32.33 -2.48 0.12
C GLU B 254 32.07 -1.03 -0.27
N GLY B 255 32.08 -0.76 -1.56
CA GLY B 255 31.79 0.57 -2.04
C GLY B 255 31.39 0.58 -3.50
N GLY B 256 31.28 1.78 -4.06
CA GLY B 256 30.91 1.92 -5.46
C GLY B 256 31.43 3.21 -6.07
N PHE B 257 31.40 3.25 -7.40
CA PHE B 257 31.76 4.44 -8.14
C PHE B 257 30.50 5.21 -8.51
N TYR B 258 30.55 6.54 -8.36
CA TYR B 258 29.38 7.35 -8.64
C TYR B 258 29.73 8.50 -9.59
N GLY B 259 28.72 8.95 -10.32
CA GLY B 259 28.90 9.87 -11.42
C GLY B 259 28.78 9.07 -12.70
N PRO B 260 28.29 9.71 -13.77
CA PRO B 260 28.06 9.05 -15.07
C PRO B 260 29.32 8.37 -15.61
N LYS B 261 30.49 8.94 -15.31
CA LYS B 261 31.75 8.42 -15.83
C LYS B 261 32.74 8.11 -14.70
N ALA B 262 32.22 7.59 -13.59
CA ALA B 262 33.02 7.22 -12.43
C ALA B 262 33.90 8.35 -11.91
N GLU B 263 33.36 9.57 -11.91
CA GLU B 263 34.09 10.73 -11.44
C GLU B 263 34.46 10.61 -9.96
N GLU B 264 33.59 9.96 -9.19
CA GLU B 264 33.81 9.86 -7.75
C GLU B 264 33.61 8.43 -7.26
N MET B 265 33.90 8.21 -5.98
CA MET B 265 33.74 6.90 -5.37
C MET B 265 33.47 7.04 -3.88
N ALA B 266 32.70 6.11 -3.34
CA ALA B 266 32.42 6.12 -1.90
C ALA B 266 32.32 4.70 -1.38
N GLY B 267 32.53 4.52 -0.07
CA GLY B 267 32.50 3.18 0.49
C GLY B 267 32.54 3.12 2.00
N LYS B 268 32.57 1.89 2.51
CA LYS B 268 32.58 1.63 3.94
C LYS B 268 33.31 0.33 4.25
N PHE B 269 33.64 0.14 5.53
CA PHE B 269 34.05 -1.16 6.04
C PHE B 269 33.79 -1.23 7.53
N VAL B 270 33.42 -2.42 7.98
CA VAL B 270 33.21 -2.68 9.41
C VAL B 270 34.31 -3.58 9.93
N ALA B 271 34.89 -3.23 11.07
CA ALA B 271 35.93 -4.04 11.69
C ALA B 271 35.41 -5.45 11.96
N ASP B 272 36.32 -6.42 11.94
CA ASP B 272 35.93 -7.83 12.07
C ASP B 272 35.31 -8.14 13.42
N ASP B 273 35.70 -7.41 14.45
CA ASP B 273 35.14 -7.59 15.80
C ASP B 273 34.07 -6.55 16.09
N LYS B 274 33.63 -5.87 15.04
CA LYS B 274 32.60 -4.82 15.13
C LYS B 274 33.00 -3.76 16.16
N SER B 275 34.27 -3.38 16.12
CA SER B 275 34.81 -2.39 17.05
C SER B 275 34.98 -1.04 16.37
N LEU B 276 34.73 -0.98 15.07
CA LEU B 276 34.86 0.25 14.32
C LEU B 276 34.10 0.19 13.00
N PHE B 277 33.36 1.25 12.71
CA PHE B 277 32.70 1.39 11.42
C PHE B 277 33.23 2.61 10.71
N ALA B 278 33.78 2.43 9.51
CA ALA B 278 34.41 3.55 8.82
C ALA B 278 33.85 3.75 7.42
N VAL B 279 33.64 5.01 7.05
CA VAL B 279 33.15 5.36 5.72
C VAL B 279 34.19 6.24 5.03
N PHE B 280 34.08 6.36 3.72
CA PHE B 280 35.02 7.22 2.98
C PHE B 280 34.45 7.66 1.64
N SER B 281 34.95 8.78 1.16
CA SER B 281 34.59 9.26 -0.17
C SER B 281 35.83 9.91 -0.80
N ALA B 282 35.96 9.78 -2.12
CA ALA B 282 37.14 10.26 -2.82
C ALA B 282 36.82 10.53 -4.28
N LYS B 283 37.62 11.40 -4.89
CA LYS B 283 37.44 11.72 -6.31
C LYS B 283 38.79 11.86 -7.00
N HIS B 284 38.85 11.46 -8.27
CA HIS B 284 40.08 11.54 -9.05
C HIS B 284 40.20 12.92 -9.70
N ASN B 285 41.42 13.29 -10.08
CA ASN B 285 41.63 14.54 -10.79
C ASN B 285 42.36 14.29 -12.11
N ALA B 286 41.62 13.79 -13.09
CA ALA B 286 42.17 13.51 -14.41
C ALA B 286 41.46 14.38 -15.45
N SER B 287 42.18 14.76 -16.50
CA SER B 287 41.70 15.77 -17.43
C SER B 287 40.77 15.21 -18.50
N ASN B 288 41.36 14.54 -19.50
CA ASN B 288 40.60 14.03 -20.63
C ASN B 288 40.48 12.52 -20.57
N VAL B 289 39.48 12.04 -19.83
CA VAL B 289 39.32 10.61 -19.59
C VAL B 289 38.43 9.93 -20.61
N ASN B 290 38.98 8.95 -21.32
CA ASN B 290 38.18 8.13 -22.22
C ASN B 290 37.54 6.99 -21.43
N THR B 291 36.28 6.71 -21.74
CA THR B 291 35.51 5.73 -20.97
C THR B 291 34.82 4.70 -21.86
N VAL B 292 34.83 3.44 -21.41
CA VAL B 292 34.03 2.41 -22.06
C VAL B 292 32.78 2.19 -21.23
N ARG B 293 31.74 1.65 -21.86
CA ARG B 293 30.50 1.40 -21.15
C ARG B 293 30.51 -0.03 -20.60
N ILE B 294 29.86 -0.21 -19.46
CA ILE B 294 29.83 -1.51 -18.81
C ILE B 294 28.38 -1.92 -18.49
N ILE B 295 27.50 -0.92 -18.39
CA ILE B 295 26.12 -1.16 -17.98
C ILE B 295 25.10 -0.39 -18.80
N ASP B 296 24.11 -1.10 -19.33
CA ASP B 296 22.92 -0.48 -19.87
C ASP B 296 21.76 -0.76 -18.91
N ALA B 297 20.95 0.24 -18.64
CA ALA B 297 19.78 0.09 -17.78
C ALA B 297 18.82 1.24 -18.00
N SER B 298 17.80 1.00 -18.82
CA SER B 298 16.87 2.06 -19.19
C SER B 298 15.42 1.64 -18.98
N LYS B 299 14.55 2.65 -18.92
CA LYS B 299 13.14 2.47 -18.63
C LYS B 299 12.30 3.43 -19.46
N ILE B 300 11.54 2.88 -20.41
CA ILE B 300 10.65 3.68 -21.24
C ILE B 300 9.23 3.70 -20.67
N ASP B 301 8.69 4.90 -20.46
CA ASP B 301 7.34 5.04 -19.94
C ASP B 301 6.32 4.91 -21.08
N LEU B 302 5.35 4.00 -20.93
CA LEU B 302 4.43 3.71 -22.03
C LEU B 302 3.24 4.67 -22.07
N THR B 303 3.43 5.87 -21.52
CA THR B 303 2.41 6.92 -21.61
C THR B 303 3.04 8.20 -22.13
N ASN B 304 4.06 8.66 -21.45
CA ASN B 304 4.88 9.74 -21.91
C ASN B 304 5.67 9.41 -23.14
N PHE B 305 6.15 8.18 -23.18
CA PHE B 305 7.18 7.71 -24.10
C PHE B 305 8.48 8.47 -23.86
N SER B 306 8.85 8.56 -22.60
CA SER B 306 10.05 9.24 -22.17
C SER B 306 10.93 8.20 -21.54
N ILE B 307 12.23 8.44 -21.52
CA ILE B 307 13.17 7.42 -21.07
C ILE B 307 13.91 7.86 -19.80
N SER B 308 14.11 6.90 -18.90
CA SER B 308 14.75 7.18 -17.62
C SER B 308 15.85 6.16 -17.35
N GLU B 309 16.86 6.59 -16.61
CA GLU B 309 17.94 5.68 -16.23
C GLU B 309 17.53 4.89 -14.99
N LEU B 310 17.87 3.61 -14.96
CA LEU B 310 17.59 2.78 -13.80
C LEU B 310 18.85 2.60 -12.96
N THR B 311 18.66 2.42 -11.65
CA THR B 311 19.80 2.19 -10.77
C THR B 311 20.22 0.73 -10.89
N ASN B 312 21.40 0.51 -11.47
CA ASN B 312 21.95 -0.83 -11.64
C ASN B 312 23.41 -0.89 -11.21
N PHE B 313 23.82 -2.01 -10.63
CA PHE B 313 25.18 -2.12 -10.10
C PHE B 313 26.05 -3.09 -10.90
N GLY B 314 25.52 -3.59 -12.02
CA GLY B 314 26.29 -4.48 -12.87
C GLY B 314 25.70 -5.88 -12.97
N ASP B 315 24.47 -6.03 -12.51
CA ASP B 315 23.76 -7.30 -12.63
C ASP B 315 22.44 -7.09 -13.37
N ALA B 316 22.41 -7.49 -14.64
CA ALA B 316 21.26 -7.23 -15.49
C ALA B 316 20.04 -8.06 -15.07
N SER B 317 20.28 -9.13 -14.30
CA SER B 317 19.21 -10.02 -13.89
C SER B 317 18.53 -9.53 -12.62
N VAL B 318 18.88 -8.33 -12.18
CA VAL B 318 18.29 -7.74 -10.98
C VAL B 318 17.76 -6.33 -11.27
N LEU B 319 16.47 -6.14 -11.03
CA LEU B 319 15.83 -4.85 -11.22
C LEU B 319 15.65 -4.16 -9.88
N ILE B 320 16.00 -2.87 -9.80
CA ILE B 320 15.95 -2.15 -8.53
C ILE B 320 14.99 -0.96 -8.52
N ILE B 321 13.85 -1.14 -7.85
CA ILE B 321 12.87 -0.07 -7.64
C ILE B 321 12.29 -0.20 -6.23
N ASP B 322 12.30 0.88 -5.43
CA ASP B 322 13.02 2.11 -5.74
C ASP B 322 14.31 2.08 -4.94
N GLY B 323 14.67 0.89 -4.48
CA GLY B 323 15.87 0.66 -3.71
C GLY B 323 15.99 -0.82 -3.41
N LYS B 324 14.83 -1.47 -3.28
CA LYS B 324 14.78 -2.90 -2.99
C LYS B 324 15.01 -3.68 -4.27
N LYS B 325 15.35 -4.97 -4.13
CA LYS B 325 15.78 -5.77 -5.27
C LYS B 325 14.77 -6.82 -5.69
N MET B 326 14.49 -6.86 -7.00
CA MET B 326 13.64 -7.90 -7.57
C MET B 326 14.41 -8.65 -8.64
N GLU B 327 14.57 -9.96 -8.47
CA GLU B 327 15.32 -10.75 -9.43
C GLU B 327 14.45 -11.13 -10.62
N LEU B 328 15.06 -11.17 -11.79
CA LEU B 328 14.33 -11.31 -13.04
C LEU B 328 14.43 -12.72 -13.62
N ALA B 329 15.47 -13.45 -13.22
CA ALA B 329 15.67 -14.80 -13.73
C ALA B 329 14.57 -15.73 -13.22
N GLY B 330 14.29 -16.78 -13.99
CA GLY B 330 13.26 -17.73 -13.62
C GLY B 330 13.44 -19.07 -14.29
N SER B 331 12.41 -19.91 -14.21
CA SER B 331 12.49 -21.27 -14.73
C SER B 331 12.01 -21.38 -16.18
N GLU B 332 11.11 -20.49 -16.57
CA GLU B 332 10.58 -20.50 -17.94
C GLU B 332 11.22 -19.39 -18.78
N PHE B 333 10.81 -19.32 -20.04
CA PHE B 333 11.38 -18.38 -21.00
C PHE B 333 11.17 -16.92 -20.57
N THR B 334 9.93 -16.57 -20.28
CA THR B 334 9.62 -15.26 -19.71
C THR B 334 8.98 -15.49 -18.34
N ASN B 335 9.43 -14.73 -17.34
CA ASN B 335 8.98 -14.95 -15.99
C ASN B 335 8.34 -13.70 -15.39
N LYS B 336 7.20 -13.90 -14.73
CA LYS B 336 6.51 -12.82 -14.06
C LYS B 336 7.01 -12.75 -12.62
N HIS B 337 7.24 -11.54 -12.15
CA HIS B 337 7.70 -11.33 -10.78
C HIS B 337 6.96 -10.17 -10.14
N THR B 338 6.54 -10.37 -8.90
CA THR B 338 5.78 -9.36 -8.18
C THR B 338 6.50 -9.02 -6.88
N ILE B 339 6.54 -7.74 -6.55
CA ILE B 339 7.27 -7.28 -5.38
C ILE B 339 6.54 -6.16 -4.64
N ASP B 340 6.51 -6.30 -3.32
CA ASP B 340 5.90 -5.34 -2.42
C ASP B 340 7.00 -4.37 -2.03
N ILE B 341 6.81 -3.09 -2.32
CA ILE B 341 7.85 -2.10 -1.99
C ILE B 341 7.34 -0.90 -1.23
N ASN B 342 8.01 0.22 -1.31
CA ASN B 342 7.85 1.10 -0.23
C ASN B 342 6.36 1.20 -0.05
N GLY B 343 5.62 1.44 -1.10
CA GLY B 343 4.20 1.59 -0.87
C GLY B 343 3.31 0.53 -1.46
N LYS B 344 3.49 0.32 -2.74
CA LYS B 344 2.47 -0.37 -3.53
C LYS B 344 3.02 -1.45 -4.45
N LYS B 345 2.14 -2.35 -4.86
CA LYS B 345 2.46 -3.57 -5.60
C LYS B 345 3.10 -3.31 -6.97
N MET B 346 4.27 -3.90 -7.20
CA MET B 346 4.99 -3.72 -8.47
C MET B 346 5.21 -5.04 -9.21
N VAL B 347 4.69 -5.12 -10.43
CA VAL B 347 4.82 -6.34 -11.22
C VAL B 347 5.69 -6.09 -12.44
N ALA B 348 6.46 -7.10 -12.83
CA ALA B 348 7.31 -7.00 -14.01
C ALA B 348 7.43 -8.36 -14.70
N VAL B 349 7.42 -8.35 -16.04
CA VAL B 349 7.63 -9.59 -16.80
C VAL B 349 8.96 -9.48 -17.55
N ALA B 350 9.85 -10.44 -17.30
CA ALA B 350 11.22 -10.34 -17.78
C ALA B 350 11.59 -11.47 -18.73
N CYS B 351 12.37 -11.11 -19.74
CA CYS B 351 12.82 -12.03 -20.78
C CYS B 351 14.30 -11.77 -21.04
N CYS B 352 15.07 -12.82 -21.39
CA CYS B 352 14.56 -14.17 -21.54
C CYS B 352 15.38 -15.16 -20.71
N SER B 353 15.11 -16.44 -20.88
CA SER B 353 15.83 -17.47 -20.14
C SER B 353 17.14 -17.83 -20.83
N ASN B 354 17.21 -17.58 -22.14
CA ASN B 354 18.40 -17.90 -22.92
C ASN B 354 19.38 -16.72 -22.90
N LEU B 355 18.96 -15.64 -22.26
CA LEU B 355 19.82 -14.48 -22.07
C LEU B 355 20.30 -14.41 -20.63
N GLU B 356 21.61 -14.23 -20.44
CA GLU B 356 22.19 -14.28 -19.11
C GLU B 356 22.97 -13.01 -18.75
N TYR B 357 23.21 -12.18 -19.76
CA TYR B 357 23.96 -10.95 -19.55
C TYR B 357 23.11 -9.74 -19.89
N MET B 358 21.83 -9.99 -20.14
CA MET B 358 20.86 -8.92 -20.41
C MET B 358 19.46 -9.39 -20.06
N LYS B 359 18.60 -8.44 -19.72
CA LYS B 359 17.20 -8.72 -19.45
C LYS B 359 16.35 -7.55 -19.92
N PHE B 360 15.27 -7.82 -20.62
CA PHE B 360 14.35 -6.77 -21.04
C PHE B 360 12.93 -7.22 -20.77
N GLY B 361 12.01 -6.27 -20.63
CA GLY B 361 10.63 -6.65 -20.43
C GLY B 361 9.68 -5.53 -20.05
N GLN B 362 8.61 -5.90 -19.36
CA GLN B 362 7.58 -4.94 -18.97
C GLN B 362 7.60 -4.72 -17.45
N LEU B 363 7.12 -3.56 -17.03
CA LEU B 363 7.13 -3.18 -15.63
C LEU B 363 6.01 -2.20 -15.32
N TRP B 364 5.04 -2.63 -14.52
CA TRP B 364 3.90 -1.78 -14.18
C TRP B 364 3.54 -1.92 -12.70
N GLN B 365 2.56 -1.13 -12.27
CA GLN B 365 2.08 -1.16 -10.89
C GLN B 365 0.61 -1.59 -10.81
N GLN B 366 0.30 -2.47 -9.87
CA GLN B 366 -1.05 -3.01 -9.74
C GLN B 366 -1.84 -2.32 -8.62
N THR B 367 -3.11 -2.03 -8.92
CA THR B 367 -4.02 -1.41 -7.96
C THR B 367 -5.43 -1.97 -8.09
N GLN B 372 -6.77 -2.55 -13.13
CA GLN B 372 -6.10 -1.27 -12.94
C GLN B 372 -4.58 -1.40 -13.06
N VAL B 373 -4.00 -0.68 -14.02
CA VAL B 373 -2.56 -0.70 -14.24
C VAL B 373 -2.01 0.72 -14.27
N LYS B 374 -1.14 1.03 -13.31
CA LYS B 374 -0.54 2.35 -13.21
C LYS B 374 0.95 2.31 -13.54
N ASP B 375 1.42 3.37 -14.19
CA ASP B 375 2.83 3.52 -14.55
C ASP B 375 3.36 2.34 -15.37
N ASN B 376 2.66 2.03 -16.46
CA ASN B 376 3.09 0.98 -17.37
C ASN B 376 4.38 1.37 -18.07
N SER B 377 5.33 0.44 -18.15
CA SER B 377 6.65 0.74 -18.69
C SER B 377 7.34 -0.46 -19.34
N LEU B 378 8.39 -0.17 -20.10
CA LEU B 378 9.30 -1.18 -20.63
C LEU B 378 10.69 -0.95 -20.02
N PHE B 379 11.50 -1.99 -19.94
CA PHE B 379 12.85 -1.82 -19.41
C PHE B 379 13.87 -2.69 -20.15
N LEU B 380 15.10 -2.20 -20.21
CA LEU B 380 16.21 -2.95 -20.81
C LEU B 380 17.50 -2.80 -20.01
N GLN B 381 18.04 -3.91 -19.56
CA GLN B 381 19.31 -3.95 -18.84
C GLN B 381 20.28 -4.90 -19.52
N GLY B 382 21.58 -4.61 -19.38
CA GLY B 382 22.60 -5.42 -20.01
C GLY B 382 24.00 -5.13 -19.50
N GLU B 383 24.81 -6.18 -19.42
CA GLU B 383 26.20 -6.06 -19.02
C GLU B 383 27.09 -6.01 -20.26
N ARG B 384 27.52 -4.80 -20.64
CA ARG B 384 28.27 -4.58 -21.87
C ARG B 384 29.47 -5.51 -22.01
N THR B 385 29.75 -5.90 -23.26
CA THR B 385 30.91 -6.72 -23.59
C THR B 385 32.18 -5.89 -23.50
N ALA B 386 33.25 -6.48 -22.95
CA ALA B 386 34.54 -5.82 -22.86
C ALA B 386 35.00 -5.36 -24.25
N THR B 387 35.54 -4.16 -24.33
CA THR B 387 35.87 -3.57 -25.62
C THR B 387 36.88 -4.50 -26.33
N ASP B 388 37.81 -5.07 -25.56
CA ASP B 388 38.87 -5.89 -26.12
C ASP B 388 38.35 -7.29 -26.44
N LYS B 389 37.20 -7.62 -25.89
CA LYS B 389 36.60 -8.93 -26.09
C LYS B 389 35.71 -8.95 -27.33
N MET B 390 35.38 -7.77 -27.83
CA MET B 390 34.54 -7.64 -29.02
C MET B 390 35.24 -8.14 -30.27
N PRO B 391 34.54 -8.97 -31.06
CA PRO B 391 35.03 -9.40 -32.37
C PRO B 391 35.22 -8.22 -33.31
N LYS B 392 36.24 -8.26 -34.16
CA LYS B 392 36.47 -7.19 -35.13
C LYS B 392 36.17 -7.67 -36.54
N ASP B 393 36.04 -8.98 -36.69
CA ASP B 393 35.74 -9.59 -37.98
C ASP B 393 34.75 -10.75 -37.80
N GLY B 394 33.80 -10.86 -38.72
CA GLY B 394 32.83 -11.94 -38.69
C GLY B 394 31.45 -11.52 -39.10
N ASN B 395 30.64 -12.49 -39.53
CA ASN B 395 29.27 -12.26 -39.94
C ASN B 395 28.33 -13.25 -39.28
N TYR B 396 27.49 -12.76 -38.38
CA TYR B 396 26.67 -13.61 -37.55
C TYR B 396 25.19 -13.28 -37.64
N LYS B 397 24.37 -14.23 -37.18
CA LYS B 397 22.93 -14.07 -37.12
C LYS B 397 22.47 -14.07 -35.66
N TYR B 398 21.58 -13.15 -35.32
CA TYR B 398 21.08 -13.06 -33.96
C TYR B 398 19.56 -13.19 -33.93
N ILE B 399 19.07 -14.27 -33.33
CA ILE B 399 17.63 -14.47 -33.23
C ILE B 399 17.16 -14.25 -31.79
N GLY B 400 16.07 -13.51 -31.65
CA GLY B 400 15.51 -13.25 -30.34
C GLY B 400 14.08 -12.76 -30.41
N THR B 401 13.69 -11.95 -29.43
CA THR B 401 12.34 -11.41 -29.38
C THR B 401 12.33 -10.00 -28.81
N TRP B 402 11.13 -9.46 -28.61
CA TRP B 402 11.00 -8.07 -28.18
C TRP B 402 9.67 -7.77 -27.50
N ASP B 403 9.65 -6.67 -26.74
CA ASP B 403 8.43 -6.15 -26.16
C ASP B 403 8.20 -4.75 -26.72
N ALA B 404 6.96 -4.43 -27.07
CA ALA B 404 6.69 -3.11 -27.66
C ALA B 404 5.26 -2.64 -27.46
N GLN B 405 5.04 -1.36 -27.74
CA GLN B 405 3.71 -0.78 -27.74
C GLN B 405 3.64 0.41 -28.68
N VAL B 406 2.77 0.31 -29.67
CA VAL B 406 2.48 1.39 -30.60
C VAL B 406 1.06 1.89 -30.29
N SER B 407 0.82 3.18 -30.45
CA SER B 407 -0.48 3.74 -30.09
C SER B 407 -0.80 5.04 -30.82
N LYS B 408 -1.81 5.01 -31.68
CA LYS B 408 -2.37 6.24 -32.24
C LYS B 408 -3.69 6.55 -31.55
N GLU B 409 -3.76 7.75 -30.95
CA GLU B 409 -4.92 8.16 -30.16
C GLU B 409 -5.17 7.19 -29.01
N ASN B 410 -6.28 6.45 -29.08
CA ASN B 410 -6.67 5.58 -27.97
C ASN B 410 -6.79 4.11 -28.34
N ASN B 411 -6.20 3.71 -29.47
CA ASN B 411 -6.12 2.30 -29.81
C ASN B 411 -4.67 1.82 -29.82
N TYR B 412 -4.44 0.62 -29.28
CA TYR B 412 -3.10 0.14 -29.00
C TYR B 412 -2.73 -1.14 -29.74
N TRP B 413 -1.45 -1.26 -30.07
CA TRP B 413 -0.86 -2.49 -30.58
C TRP B 413 0.30 -2.89 -29.68
N VAL B 414 0.24 -4.09 -29.13
CA VAL B 414 1.23 -4.51 -28.13
C VAL B 414 2.00 -5.76 -28.57
N ALA B 415 3.32 -5.68 -28.49
CA ALA B 415 4.19 -6.82 -28.76
C ALA B 415 4.68 -7.45 -27.47
N THR B 416 4.49 -8.76 -27.35
CA THR B 416 4.86 -9.50 -26.14
C THR B 416 5.81 -10.65 -26.45
N ALA B 417 6.93 -10.69 -25.75
CA ALA B 417 8.00 -11.65 -26.02
C ALA B 417 7.56 -13.10 -25.94
N ASP B 418 8.03 -13.90 -26.90
CA ASP B 418 7.71 -15.33 -26.95
C ASP B 418 8.90 -16.13 -27.47
N ASP B 419 8.77 -17.45 -27.45
CA ASP B 419 9.85 -18.33 -27.92
C ASP B 419 9.49 -19.00 -29.24
N ASP B 420 8.35 -18.62 -29.81
CA ASP B 420 7.92 -19.13 -31.11
C ASP B 420 8.83 -18.55 -32.20
N ARG B 421 9.92 -19.24 -32.48
CA ARG B 421 10.91 -18.77 -33.45
C ARG B 421 10.37 -18.74 -34.87
N LYS B 422 9.30 -19.51 -35.11
CA LYS B 422 8.73 -19.64 -36.44
C LYS B 422 7.79 -18.47 -36.76
N ALA B 423 6.80 -18.25 -35.90
CA ALA B 423 5.76 -17.26 -36.18
C ALA B 423 5.31 -16.47 -34.95
N GLY B 424 6.27 -16.08 -34.11
CA GLY B 424 5.96 -15.28 -32.94
C GLY B 424 6.47 -13.86 -33.08
N TYR B 425 6.48 -13.11 -31.98
CA TYR B 425 7.05 -11.77 -31.98
C TYR B 425 8.58 -11.88 -32.04
N ARG B 426 9.09 -12.01 -33.25
CA ARG B 426 10.50 -12.32 -33.46
C ARG B 426 11.37 -11.10 -33.72
N THR B 427 12.67 -11.26 -33.50
CA THR B 427 13.65 -10.27 -33.93
C THR B 427 14.81 -11.01 -34.59
N GLU B 428 15.10 -10.65 -35.83
CA GLU B 428 16.20 -11.27 -36.56
C GLU B 428 17.25 -10.22 -36.87
N PHE B 429 18.53 -10.57 -36.70
CA PHE B 429 19.58 -9.58 -36.88
C PHE B 429 20.77 -10.12 -37.67
N ASP B 430 21.19 -9.36 -38.67
CA ASP B 430 22.42 -9.66 -39.39
C ASP B 430 23.49 -8.71 -38.88
N VAL B 431 24.54 -9.27 -38.30
CA VAL B 431 25.60 -8.47 -37.70
C VAL B 431 26.94 -8.77 -38.35
N ASP B 432 27.53 -7.77 -38.98
CA ASP B 432 28.85 -7.93 -39.59
C ASP B 432 29.87 -7.09 -38.84
N PHE B 433 30.72 -7.73 -38.06
CA PHE B 433 31.73 -7.02 -37.28
C PHE B 433 32.84 -6.48 -38.18
N GLY B 434 32.97 -7.05 -39.37
CA GLY B 434 33.95 -6.59 -40.33
C GLY B 434 33.65 -5.17 -40.74
N SER B 435 32.49 -4.97 -41.37
CA SER B 435 32.08 -3.64 -41.81
C SER B 435 31.49 -2.85 -40.65
N LYS B 436 31.40 -3.50 -39.48
CA LYS B 436 30.81 -2.90 -38.29
C LYS B 436 29.40 -2.42 -38.57
N ASN B 437 28.62 -3.25 -39.25
CA ASN B 437 27.25 -2.91 -39.60
C ASN B 437 26.23 -3.89 -39.02
N LEU B 438 25.05 -3.36 -38.72
CA LEU B 438 23.99 -4.16 -38.11
C LEU B 438 22.65 -3.87 -38.79
N SER B 439 21.94 -4.95 -39.12
CA SER B 439 20.60 -4.81 -39.70
C SER B 439 19.63 -5.70 -38.92
N GLY B 440 18.37 -5.30 -38.85
CA GLY B 440 17.40 -6.02 -38.06
C GLY B 440 15.97 -5.98 -38.59
N LYS B 441 15.27 -7.07 -38.34
CA LYS B 441 13.85 -7.19 -38.66
C LYS B 441 13.09 -7.48 -37.38
N LEU B 442 12.05 -6.68 -37.14
CA LEU B 442 11.22 -6.83 -35.94
C LEU B 442 9.80 -7.22 -36.36
N PHE B 443 9.40 -8.44 -36.03
CA PHE B 443 8.15 -9.00 -36.56
C PHE B 443 6.96 -8.92 -35.60
N ASP B 444 5.77 -9.06 -36.18
CA ASP B 444 4.55 -9.24 -35.43
C ASP B 444 4.23 -10.73 -35.37
N LYS B 445 3.32 -11.14 -34.50
CA LYS B 445 2.94 -12.54 -34.42
C LYS B 445 2.25 -12.95 -35.71
N ASN B 446 2.71 -14.07 -36.29
CA ASN B 446 2.18 -14.59 -37.54
C ASN B 446 2.29 -13.56 -38.68
N GLY B 447 3.35 -12.76 -38.64
CA GLY B 447 3.61 -11.78 -39.68
C GLY B 447 4.78 -12.19 -40.54
N VAL B 448 4.59 -12.15 -41.86
CA VAL B 448 5.64 -12.52 -42.79
C VAL B 448 6.64 -11.37 -42.91
N ASN B 449 6.13 -10.19 -43.19
CA ASN B 449 6.95 -8.99 -43.27
C ASN B 449 7.06 -8.31 -41.91
N PRO B 450 8.27 -7.87 -41.55
CA PRO B 450 8.53 -7.27 -40.24
C PRO B 450 7.86 -5.91 -40.08
N VAL B 451 7.39 -5.62 -38.86
CA VAL B 451 6.77 -4.33 -38.55
C VAL B 451 7.79 -3.20 -38.60
N PHE B 452 8.91 -3.39 -37.91
CA PHE B 452 9.97 -2.38 -37.88
C PHE B 452 11.25 -2.91 -38.52
N THR B 453 11.99 -2.01 -39.15
CA THR B 453 13.29 -2.35 -39.71
C THR B 453 14.36 -1.48 -39.07
N VAL B 454 15.47 -2.11 -38.67
CA VAL B 454 16.54 -1.41 -37.97
C VAL B 454 17.83 -1.42 -38.76
N ASN B 455 18.47 -0.27 -38.88
CA ASN B 455 19.80 -0.20 -39.48
C ASN B 455 20.74 0.61 -38.61
N ALA B 456 21.79 -0.02 -38.12
CA ALA B 456 22.67 0.61 -37.13
C ALA B 456 24.15 0.37 -37.40
N LYS B 457 24.97 1.27 -36.86
CA LYS B 457 26.42 1.16 -36.94
C LYS B 457 27.01 0.75 -35.60
N ILE B 458 27.97 -0.17 -35.66
CA ILE B 458 28.63 -0.70 -34.46
C ILE B 458 29.85 0.13 -34.06
N ASP B 459 29.94 0.46 -32.78
CA ASP B 459 31.11 1.13 -32.25
C ASP B 459 31.43 0.56 -30.87
N GLY B 460 32.65 0.03 -30.73
CA GLY B 460 33.07 -0.58 -29.48
C GLY B 460 32.22 -1.78 -29.11
N ASN B 461 31.42 -1.64 -28.06
CA ASN B 461 30.54 -2.71 -27.60
C ASN B 461 29.07 -2.32 -27.70
N GLY B 462 28.78 -1.28 -28.47
CA GLY B 462 27.41 -0.84 -28.66
C GLY B 462 27.12 -0.59 -30.12
N PHE B 463 25.88 -0.25 -30.42
CA PHE B 463 25.51 0.15 -31.77
C PHE B 463 24.45 1.25 -31.72
N THR B 464 24.55 2.18 -32.66
CA THR B 464 23.56 3.25 -32.75
C THR B 464 23.05 3.34 -34.17
N GLY B 465 21.73 3.48 -34.33
CA GLY B 465 21.15 3.51 -35.65
C GLY B 465 19.75 4.05 -35.71
N GLU B 466 19.00 3.63 -36.73
CA GLU B 466 17.66 4.15 -36.96
C GLU B 466 16.65 3.03 -37.19
N ALA B 467 15.40 3.26 -36.77
CA ALA B 467 14.31 2.34 -37.05
C ALA B 467 13.27 3.01 -37.93
N LYS B 468 12.68 2.23 -38.83
CA LYS B 468 11.64 2.75 -39.71
C LYS B 468 10.51 1.74 -39.83
N THR B 469 9.33 2.23 -40.20
CA THR B 469 8.20 1.34 -40.47
C THR B 469 8.36 0.77 -41.88
N SER B 470 7.37 0.01 -42.33
CA SER B 470 7.36 -0.45 -43.72
C SER B 470 7.24 0.76 -44.64
N ASP B 471 7.72 0.64 -45.87
CA ASP B 471 7.76 1.77 -46.78
C ASP B 471 6.36 2.22 -47.18
N ALA B 472 5.37 1.42 -46.83
CA ALA B 472 3.97 1.74 -47.13
C ALA B 472 3.20 2.05 -45.85
N GLY B 473 3.72 1.58 -44.71
CA GLY B 473 3.12 1.86 -43.43
C GLY B 473 2.63 0.62 -42.69
N PHE B 474 2.36 0.78 -41.40
CA PHE B 474 1.86 -0.31 -40.57
C PHE B 474 0.55 0.07 -39.88
N VAL B 475 -0.50 -0.66 -40.19
CA VAL B 475 -1.83 -0.39 -39.64
C VAL B 475 -2.07 -1.19 -38.36
N LEU B 476 -2.63 -0.52 -37.36
CA LEU B 476 -2.91 -1.16 -36.07
C LEU B 476 -3.95 -2.27 -36.20
N ASP B 484 -6.71 3.90 -39.67
CA ASP B 484 -5.53 4.71 -39.37
C ASP B 484 -4.28 3.84 -39.21
N ASN B 485 -3.25 4.16 -39.97
CA ASN B 485 -1.98 3.43 -39.89
C ASN B 485 -0.84 4.34 -39.42
N VAL B 486 0.21 3.72 -38.89
CA VAL B 486 1.34 4.48 -38.36
C VAL B 486 2.56 4.30 -39.25
N LYS B 487 3.27 5.39 -39.53
CA LYS B 487 4.46 5.33 -40.38
C LYS B 487 5.45 6.43 -40.01
N PHE B 488 6.72 6.05 -39.94
CA PHE B 488 7.80 6.99 -39.66
C PHE B 488 9.16 6.39 -40.02
N SER B 489 10.13 7.27 -40.25
CA SER B 489 11.48 6.86 -40.59
C SER B 489 12.48 7.57 -39.69
N ASP B 490 13.69 7.02 -39.59
CA ASP B 490 14.77 7.61 -38.81
C ASP B 490 14.32 7.88 -37.36
N VAL B 491 13.99 6.81 -36.65
CA VAL B 491 13.76 6.89 -35.22
C VAL B 491 15.00 6.40 -34.49
N ALA B 492 15.45 7.17 -33.50
CA ALA B 492 16.71 6.87 -32.81
C ALA B 492 16.69 5.50 -32.14
N VAL B 493 17.63 4.66 -32.54
CA VAL B 493 17.79 3.34 -31.95
C VAL B 493 19.14 3.23 -31.25
N SER B 494 19.13 2.86 -29.97
CA SER B 494 20.40 2.66 -29.27
C SER B 494 20.46 1.26 -28.69
N GLY B 495 21.64 0.65 -28.75
CA GLY B 495 21.81 -0.69 -28.22
C GLY B 495 23.24 -1.05 -27.92
N GLY B 496 23.45 -2.29 -27.50
CA GLY B 496 24.78 -2.76 -27.19
C GLY B 496 24.92 -4.27 -27.22
N PHE B 497 26.18 -4.71 -27.22
CA PHE B 497 26.50 -6.13 -27.17
C PHE B 497 26.87 -6.50 -25.73
N TYR B 498 26.37 -7.64 -25.28
CA TYR B 498 26.52 -8.03 -23.88
C TYR B 498 27.14 -9.42 -23.76
N GLY B 499 27.69 -9.72 -22.59
CA GLY B 499 28.35 -10.99 -22.37
C GLY B 499 29.81 -10.92 -22.82
N PRO B 500 30.63 -11.86 -22.33
CA PRO B 500 32.07 -11.90 -22.63
C PRO B 500 32.38 -12.05 -24.11
N THR B 501 31.57 -12.82 -24.82
CA THR B 501 31.85 -13.14 -26.22
C THR B 501 30.96 -12.37 -27.20
N ALA B 502 30.21 -11.41 -26.67
CA ALA B 502 29.26 -10.62 -27.45
C ALA B 502 28.27 -11.51 -28.19
N ALA B 503 27.92 -12.64 -27.57
CA ALA B 503 27.00 -13.60 -28.17
C ALA B 503 25.55 -13.21 -27.88
N GLU B 504 25.37 -12.03 -27.30
CA GLU B 504 24.05 -11.49 -27.02
C GLU B 504 24.03 -10.01 -27.37
N LEU B 505 22.94 -9.54 -27.94
CA LEU B 505 22.81 -8.11 -28.19
C LEU B 505 21.42 -7.65 -27.80
N GLY B 506 21.34 -6.41 -27.32
CA GLY B 506 20.06 -5.86 -26.92
C GLY B 506 19.97 -4.43 -27.42
N GLY B 507 18.75 -3.92 -27.47
CA GLY B 507 18.55 -2.57 -27.95
C GLY B 507 17.20 -2.00 -27.59
N GLN B 508 17.01 -0.74 -27.93
CA GLN B 508 15.77 -0.05 -27.62
C GLN B 508 15.59 1.17 -28.51
N PHE B 509 14.32 1.52 -28.73
CA PHE B 509 13.99 2.79 -29.36
C PHE B 509 12.63 3.26 -28.85
N ARG B 510 12.49 4.58 -28.74
CA ARG B 510 11.26 5.19 -28.27
C ARG B 510 11.04 6.47 -29.07
N TYR B 511 9.78 6.81 -29.29
CA TYR B 511 9.43 7.93 -30.14
C TYR B 511 7.99 8.36 -29.94
N GLN B 512 7.70 9.63 -30.17
CA GLN B 512 6.33 10.11 -30.18
C GLN B 512 6.21 11.37 -31.03
N SER B 513 5.01 11.65 -31.51
CA SER B 513 4.76 12.85 -32.31
C SER B 513 3.56 13.61 -31.75
N ASP B 514 3.43 14.86 -32.20
CA ASP B 514 2.34 15.75 -31.79
C ASP B 514 2.46 16.15 -30.31
N ASN B 515 3.30 15.42 -29.57
CA ASN B 515 3.46 15.59 -28.12
C ASN B 515 2.13 15.76 -27.37
N GLY B 516 1.34 14.69 -27.28
CA GLY B 516 1.68 13.40 -27.86
C GLY B 516 0.45 12.62 -28.30
N SER B 517 0.24 12.54 -29.61
CA SER B 517 -0.89 11.81 -30.17
C SER B 517 -0.51 10.35 -30.44
N VAL B 518 0.53 10.16 -31.24
CA VAL B 518 1.01 8.83 -31.57
C VAL B 518 2.31 8.53 -30.83
N GLY B 519 2.44 7.32 -30.31
CA GLY B 519 3.62 6.94 -29.58
C GLY B 519 4.07 5.51 -29.83
N VAL B 520 5.39 5.30 -29.77
CA VAL B 520 5.97 3.98 -29.96
C VAL B 520 7.08 3.77 -28.94
N GLY B 521 7.02 2.65 -28.22
CA GLY B 521 8.07 2.30 -27.30
C GLY B 521 8.45 0.84 -27.50
N ALA B 522 9.73 0.54 -27.63
CA ALA B 522 10.13 -0.82 -27.93
C ALA B 522 11.51 -1.19 -27.42
N VAL B 523 11.62 -2.39 -26.88
CA VAL B 523 12.90 -2.95 -26.44
C VAL B 523 13.06 -4.35 -27.01
N PHE B 524 14.28 -4.69 -27.43
CA PHE B 524 14.51 -6.01 -28.03
C PHE B 524 15.80 -6.68 -27.58
N GLY B 525 15.82 -8.01 -27.70
CA GLY B 525 16.99 -8.79 -27.35
C GLY B 525 17.15 -9.96 -28.30
N ALA B 526 18.39 -10.35 -28.56
CA ALA B 526 18.68 -11.42 -29.51
C ALA B 526 19.98 -12.14 -29.17
N LYS B 527 19.97 -13.45 -29.41
CA LYS B 527 21.12 -14.31 -29.11
C LYS B 527 21.82 -14.75 -30.39
N GLN B 528 23.15 -14.89 -30.33
CA GLN B 528 23.93 -15.35 -31.47
C GLN B 528 23.55 -16.78 -31.85
N GLN B 529 23.59 -17.06 -33.15
CA GLN B 529 23.12 -18.34 -33.67
C GLN B 529 24.20 -19.11 -34.40
N VAL B 530 24.06 -20.43 -34.39
CA VAL B 530 24.88 -21.32 -35.20
C VAL B 530 23.93 -22.18 -36.05
N LYS B 531 24.36 -22.49 -37.27
CA LYS B 531 23.50 -23.22 -38.20
C LYS B 531 23.24 -24.64 -37.72
N LYS B 532 22.08 -25.19 -38.13
CA LYS B 532 21.66 -26.54 -37.76
C LYS B 532 21.57 -26.70 -36.25
C1 GOL C . 0.84 -2.66 12.56
O1 GOL C . 0.33 -1.52 13.22
C2 GOL C . -0.09 -3.07 11.42
O2 GOL C . -0.81 -4.23 11.80
C3 GOL C . -1.05 -1.94 11.09
O3 GOL C . -1.77 -2.25 9.92
C1 GOL D . -34.36 3.06 15.11
O1 GOL D . -33.20 3.64 14.54
C2 GOL D . -35.45 3.20 14.06
O2 GOL D . -34.84 3.87 12.96
C3 GOL D . -35.97 1.81 13.67
O3 GOL D . -37.11 1.45 14.44
C1 GOL E . -33.85 -13.06 12.96
O1 GOL E . -34.89 -13.40 12.08
C2 GOL E . -32.50 -13.26 12.28
O2 GOL E . -32.26 -12.18 11.40
C3 GOL E . -31.41 -13.29 13.34
O3 GOL E . -31.79 -14.18 14.37
C1 GOL F . 8.55 12.84 18.41
O1 GOL F . 9.54 13.77 18.83
C2 GOL F . 7.58 12.56 19.55
O2 GOL F . 7.83 11.27 20.11
C3 GOL F . 6.16 12.53 19.03
O3 GOL F . 5.55 11.40 19.64
C1 GOL G . -25.62 17.80 3.91
O1 GOL G . -24.28 17.42 4.11
C2 GOL G . -26.07 18.77 5.01
O2 GOL G . -24.97 19.06 5.84
C3 GOL G . -27.19 18.14 5.84
O3 GOL G . -27.72 19.11 6.72
S SO4 H . -6.47 23.46 27.28
O1 SO4 H . -5.09 22.96 27.31
O2 SO4 H . -7.34 22.42 26.76
O3 SO4 H . -6.89 23.81 28.63
O4 SO4 H . -6.55 24.64 26.43
S SO4 I . -9.93 -1.04 2.13
O1 SO4 I . -9.03 -1.01 0.96
O2 SO4 I . -9.74 -2.33 2.79
O3 SO4 I . -11.31 -0.88 1.65
O4 SO4 I . -9.61 0.05 3.05
C1 GOL J . -39.02 0.13 -1.72
O1 GOL J . -37.67 0.50 -1.41
C2 GOL J . -39.11 -1.05 -2.65
O2 GOL J . -37.79 -1.40 -3.06
C3 GOL J . -39.92 -0.68 -3.87
O3 GOL J . -39.56 -1.56 -4.92
C1 GOL K . -25.03 19.68 29.62
O1 GOL K . -24.99 20.85 28.80
C2 GOL K . -24.68 18.47 28.77
O2 GOL K . -25.91 17.91 28.29
C3 GOL K . -23.97 17.44 29.63
O3 GOL K . -22.57 17.43 29.35
NA NA L . -20.68 -2.29 30.74
S SO4 M . -5.33 -0.31 2.61
O1 SO4 M . -4.40 -1.39 3.00
O2 SO4 M . -6.05 -0.67 1.38
O3 SO4 M . -6.28 -0.10 3.71
O4 SO4 M . -4.60 0.95 2.37
S SO4 N . -1.47 13.00 21.49
O1 SO4 N . -0.09 12.54 21.77
O2 SO4 N . -2.19 11.99 20.70
O3 SO4 N . -2.19 13.24 22.75
O4 SO4 N . -1.38 14.27 20.76
S SO4 O . 26.91 27.06 21.78
O1 SO4 O . 28.00 26.63 20.90
O2 SO4 O . 25.63 26.75 21.17
O3 SO4 O . 27.02 26.37 23.06
O4 SO4 O . 27.03 28.50 22.01
S SO4 P . 14.62 25.26 30.44
O1 SO4 P . 13.79 26.11 29.59
O2 SO4 P . 14.76 23.93 29.82
O3 SO4 P . 13.99 25.09 31.75
O4 SO4 P . 15.94 25.88 30.59
S SO4 Q . 31.60 19.49 4.19
O1 SO4 Q . 31.97 18.10 3.97
O2 SO4 Q . 32.15 20.30 3.10
O3 SO4 Q . 32.18 19.94 5.46
O4 SO4 Q . 30.16 19.69 4.25
S SO4 R . 20.82 5.24 -22.67
O1 SO4 R . 21.14 4.52 -23.90
O2 SO4 R . 20.69 4.24 -21.61
O3 SO4 R . 19.59 6.02 -22.80
O4 SO4 R . 21.89 6.20 -22.38
S SO4 S . 18.95 17.57 6.33
O1 SO4 S . 20.37 17.33 6.10
O2 SO4 S . 18.25 17.69 5.05
O3 SO4 S . 18.44 16.45 7.08
O4 SO4 S . 18.75 18.83 7.08
S SO4 T . 48.62 11.81 15.12
O1 SO4 T . 49.21 11.51 13.83
O2 SO4 T . 47.45 10.97 15.34
O3 SO4 T . 49.56 11.46 16.16
O4 SO4 T . 48.27 13.23 15.19
C1 GOL U . 32.99 21.49 17.56
O1 GOL U . 33.91 20.61 18.19
C2 GOL U . 32.27 22.30 18.63
O2 GOL U . 33.25 22.83 19.53
C3 GOL U . 31.51 23.42 17.96
O3 GOL U . 30.68 24.05 18.93
C1 GOL V . 37.99 20.42 -3.84
O1 GOL V . 39.18 21.14 -3.56
C2 GOL V . 37.41 20.82 -5.18
O2 GOL V . 37.71 19.88 -6.18
C3 GOL V . 35.91 20.91 -5.09
O3 GOL V . 35.36 20.66 -6.37
#